data_4MPI
# 
_entry.id   4MPI 
# 
_audit_conform.dict_name       mmcif_pdbx.dic 
_audit_conform.dict_version    5.398 
_audit_conform.dict_location   http://mmcif.pdb.org/dictionaries/ascii/mmcif_pdbx.dic 
# 
loop_
_database_2.database_id 
_database_2.database_code 
_database_2.pdbx_database_accession 
_database_2.pdbx_DOI 
PDB   4MPI         pdb_00004mpi 10.2210/pdb4mpi/pdb 
RCSB  RCSB082203   ?            ?                   
WWPDB D_1000082203 ?            ?                   
# 
loop_
_pdbx_audit_revision_history.ordinal 
_pdbx_audit_revision_history.data_content_type 
_pdbx_audit_revision_history.major_revision 
_pdbx_audit_revision_history.minor_revision 
_pdbx_audit_revision_history.revision_date 
1 'Structure model' 1 0 2014-08-27 
2 'Structure model' 1 1 2014-10-15 
3 'Structure model' 1 2 2023-09-20 
4 'Structure model' 1 3 2024-11-06 
# 
_pdbx_audit_revision_details.ordinal             1 
_pdbx_audit_revision_details.revision_ordinal    1 
_pdbx_audit_revision_details.data_content_type   'Structure model' 
_pdbx_audit_revision_details.provider            repository 
_pdbx_audit_revision_details.type                'Initial release' 
_pdbx_audit_revision_details.description         ? 
_pdbx_audit_revision_details.details             ? 
# 
loop_
_pdbx_audit_revision_group.ordinal 
_pdbx_audit_revision_group.revision_ordinal 
_pdbx_audit_revision_group.data_content_type 
_pdbx_audit_revision_group.group 
1 2 'Structure model' 'Database references'    
2 3 'Structure model' 'Data collection'        
3 3 'Structure model' 'Database references'    
4 3 'Structure model' 'Derived calculations'   
5 3 'Structure model' 'Refinement description' 
6 4 'Structure model' 'Structure summary'      
# 
loop_
_pdbx_audit_revision_category.ordinal 
_pdbx_audit_revision_category.revision_ordinal 
_pdbx_audit_revision_category.data_content_type 
_pdbx_audit_revision_category.category 
1 3 'Structure model' chem_comp_atom                
2 3 'Structure model' chem_comp_bond                
3 3 'Structure model' database_2                    
4 3 'Structure model' pdbx_initial_refinement_model 
5 3 'Structure model' struct_ref_seq_dif            
6 3 'Structure model' struct_site                   
7 4 'Structure model' pdbx_entry_details            
8 4 'Structure model' pdbx_modification_feature     
# 
loop_
_pdbx_audit_revision_item.ordinal 
_pdbx_audit_revision_item.revision_ordinal 
_pdbx_audit_revision_item.data_content_type 
_pdbx_audit_revision_item.item 
1 3 'Structure model' '_database_2.pdbx_DOI'                
2 3 'Structure model' '_database_2.pdbx_database_accession' 
3 3 'Structure model' '_struct_ref_seq_dif.details'         
4 3 'Structure model' '_struct_site.pdbx_auth_asym_id'      
5 3 'Structure model' '_struct_site.pdbx_auth_comp_id'      
6 3 'Structure model' '_struct_site.pdbx_auth_seq_id'       
# 
_pdbx_database_status.status_code                     REL 
_pdbx_database_status.entry_id                        4MPI 
_pdbx_database_status.recvd_initial_deposition_date   2013-09-12 
_pdbx_database_status.deposit_site                    RCSB 
_pdbx_database_status.process_site                    RCSB 
_pdbx_database_status.status_code_sf                  REL 
_pdbx_database_status.status_code_mr                  ? 
_pdbx_database_status.SG_entry                        ? 
_pdbx_database_status.status_code_cs                  ? 
_pdbx_database_status.methods_development_category    ? 
_pdbx_database_status.pdb_format_compatible           Y 
_pdbx_database_status.status_code_nmr_data            ? 
# 
_pdbx_database_related.db_name        PDB 
_pdbx_database_related.db_id          4MST 
_pdbx_database_related.details        . 
_pdbx_database_related.content_type   unspecified 
# 
loop_
_audit_author.name 
_audit_author.pdbx_ordinal 
'Martinez-Caballero, C.S.' 1 
'Hermoso, J.A.'            2 
'Rodriguez-Romero, A.'     3 
# 
_citation.id                        primary 
_citation.title                     
'Comparative study of two GH19 chitinase-like proteins from Hevea brasiliensis, one exhibiting a novel carbohydrate-binding domain.' 
_citation.journal_abbrev            'Febs J.' 
_citation.journal_volume            281 
_citation.page_first                4535 
_citation.page_last                 4554 
_citation.year                      2014 
_citation.journal_id_ASTM           ? 
_citation.country                   UK 
_citation.journal_id_ISSN           1742-464X 
_citation.journal_id_CSD            ? 
_citation.book_publisher            ? 
_citation.pdbx_database_id_PubMed   25104038 
_citation.pdbx_database_id_DOI      10.1111/febs.12962 
# 
loop_
_citation_author.citation_id 
_citation_author.name 
_citation_author.ordinal 
_citation_author.identifier_ORCID 
primary 'Martinez-Caballero, S.' 1 ? 
primary 'Cano-Sanchez, P.'       2 ? 
primary 'Mares-Mejia, I.'        3 ? 
primary 'Diaz-Sanchez, A.G.'     4 ? 
primary 'Macias-Rubalcava, M.L.' 5 ? 
primary 'Hermoso, J.A.'          6 ? 
primary 'Rodriguez-Romero, A.'   7 ? 
# 
loop_
_entity.id 
_entity.type 
_entity.src_method 
_entity.pdbx_description 
_entity.formula_weight 
_entity.pdbx_number_of_molecules 
_entity.pdbx_ec 
_entity.pdbx_mutation 
_entity.pdbx_fragment 
_entity.details 
1 polymer     man 'Class I chitinase'                    4509.008 2  ? ? 'Chitin-binding domain (CBD18, UNP residues 1-43)' ? 
2 non-polymer syn '2-(N-MORPHOLINO)-ETHANESULFONIC ACID' 195.237  1  ? ? ?                                                  ? 
3 non-polymer syn '1,4-DIETHYLENE DIOXIDE'               88.105   1  ? ? ?                                                  ? 
4 water       nat water                                  18.015   85 ? ? ?                                                  ? 
# 
_entity_name_com.entity_id   1 
_entity_name_com.name        'chitinase-like lectin' 
# 
_entity_poly.entity_id                      1 
_entity_poly.type                           'polypeptide(L)' 
_entity_poly.nstd_linkage                   no 
_entity_poly.nstd_monomer                   no 
_entity_poly.pdbx_seq_one_letter_code       AMEQCGRQAGGALCPGGLCCSQYGWCANTPEYCGSGCQSQCDGGV 
_entity_poly.pdbx_seq_one_letter_code_can   AMEQCGRQAGGALCPGGLCCSQYGWCANTPEYCGSGCQSQCDGGV 
_entity_poly.pdbx_strand_id                 A,B 
_entity_poly.pdbx_target_identifier         ? 
# 
loop_
_pdbx_entity_nonpoly.entity_id 
_pdbx_entity_nonpoly.name 
_pdbx_entity_nonpoly.comp_id 
2 '2-(N-MORPHOLINO)-ETHANESULFONIC ACID' MES 
3 '1,4-DIETHYLENE DIOXIDE'               DIO 
4 water                                  HOH 
# 
loop_
_entity_poly_seq.entity_id 
_entity_poly_seq.num 
_entity_poly_seq.mon_id 
_entity_poly_seq.hetero 
1 1  ALA n 
1 2  MET n 
1 3  GLU n 
1 4  GLN n 
1 5  CYS n 
1 6  GLY n 
1 7  ARG n 
1 8  GLN n 
1 9  ALA n 
1 10 GLY n 
1 11 GLY n 
1 12 ALA n 
1 13 LEU n 
1 14 CYS n 
1 15 PRO n 
1 16 GLY n 
1 17 GLY n 
1 18 LEU n 
1 19 CYS n 
1 20 CYS n 
1 21 SER n 
1 22 GLN n 
1 23 TYR n 
1 24 GLY n 
1 25 TRP n 
1 26 CYS n 
1 27 ALA n 
1 28 ASN n 
1 29 THR n 
1 30 PRO n 
1 31 GLU n 
1 32 TYR n 
1 33 CYS n 
1 34 GLY n 
1 35 SER n 
1 36 GLY n 
1 37 CYS n 
1 38 GLN n 
1 39 SER n 
1 40 GLN n 
1 41 CYS n 
1 42 ASP n 
1 43 GLY n 
1 44 GLY n 
1 45 VAL n 
# 
_entity_src_gen.entity_id                          1 
_entity_src_gen.pdbx_src_id                        1 
_entity_src_gen.pdbx_alt_source_flag               sample 
_entity_src_gen.pdbx_seq_type                      ? 
_entity_src_gen.pdbx_beg_seq_num                   ? 
_entity_src_gen.pdbx_end_seq_num                   ? 
_entity_src_gen.gene_src_common_name               ? 
_entity_src_gen.gene_src_genus                     ? 
_entity_src_gen.pdbx_gene_src_gene                 'Hbchi-L1, laCIC' 
_entity_src_gen.gene_src_species                   ? 
_entity_src_gen.gene_src_strain                    RIMM600 
_entity_src_gen.gene_src_tissue                    'latex and leaves' 
_entity_src_gen.gene_src_tissue_fraction           ? 
_entity_src_gen.gene_src_details                   ? 
_entity_src_gen.pdbx_gene_src_fragment             ? 
_entity_src_gen.pdbx_gene_src_scientific_name      'Hevea brasiliensis subsp. brasiliensis' 
_entity_src_gen.pdbx_gene_src_ncbi_taxonomy_id     187338 
_entity_src_gen.pdbx_gene_src_variant              ? 
_entity_src_gen.pdbx_gene_src_cell_line            ? 
_entity_src_gen.pdbx_gene_src_atcc                 ? 
_entity_src_gen.pdbx_gene_src_organ                ? 
_entity_src_gen.pdbx_gene_src_organelle            ? 
_entity_src_gen.pdbx_gene_src_cell                 ? 
_entity_src_gen.pdbx_gene_src_cellular_location    ? 
_entity_src_gen.host_org_common_name               ? 
_entity_src_gen.pdbx_host_org_scientific_name      'Escherichia coli' 
_entity_src_gen.pdbx_host_org_ncbi_taxonomy_id     469008 
_entity_src_gen.host_org_genus                     ? 
_entity_src_gen.pdbx_host_org_gene                 ? 
_entity_src_gen.pdbx_host_org_organ                ? 
_entity_src_gen.host_org_species                   ? 
_entity_src_gen.pdbx_host_org_tissue               ? 
_entity_src_gen.pdbx_host_org_tissue_fraction      ? 
_entity_src_gen.pdbx_host_org_strain               'Rosetta-Gami DE3 pLysS' 
_entity_src_gen.pdbx_host_org_variant              ? 
_entity_src_gen.pdbx_host_org_cell_line            ? 
_entity_src_gen.pdbx_host_org_atcc                 ? 
_entity_src_gen.pdbx_host_org_culture_collection   ? 
_entity_src_gen.pdbx_host_org_cell                 ? 
_entity_src_gen.pdbx_host_org_organelle            ? 
_entity_src_gen.pdbx_host_org_cellular_location    ? 
_entity_src_gen.pdbx_host_org_vector_type          plasmid 
_entity_src_gen.pdbx_host_org_vector               ? 
_entity_src_gen.host_org_details                   ? 
_entity_src_gen.expression_system_id               ? 
_entity_src_gen.plasmid_name                       pET32a 
_entity_src_gen.plasmid_details                    ? 
_entity_src_gen.pdbx_description                   ? 
# 
loop_
_chem_comp.id 
_chem_comp.type 
_chem_comp.mon_nstd_flag 
_chem_comp.name 
_chem_comp.pdbx_synonyms 
_chem_comp.formula 
_chem_comp.formula_weight 
ALA 'L-peptide linking' y ALANINE                                ? 'C3 H7 N O2'     89.093  
ARG 'L-peptide linking' y ARGININE                               ? 'C6 H15 N4 O2 1' 175.209 
ASN 'L-peptide linking' y ASPARAGINE                             ? 'C4 H8 N2 O3'    132.118 
ASP 'L-peptide linking' y 'ASPARTIC ACID'                        ? 'C4 H7 N O4'     133.103 
CYS 'L-peptide linking' y CYSTEINE                               ? 'C3 H7 N O2 S'   121.158 
DIO non-polymer         . '1,4-DIETHYLENE DIOXIDE'               ? 'C4 H8 O2'       88.105  
GLN 'L-peptide linking' y GLUTAMINE                              ? 'C5 H10 N2 O3'   146.144 
GLU 'L-peptide linking' y 'GLUTAMIC ACID'                        ? 'C5 H9 N O4'     147.129 
GLY 'peptide linking'   y GLYCINE                                ? 'C2 H5 N O2'     75.067  
HOH non-polymer         . WATER                                  ? 'H2 O'           18.015  
LEU 'L-peptide linking' y LEUCINE                                ? 'C6 H13 N O2'    131.173 
MES non-polymer         . '2-(N-MORPHOLINO)-ETHANESULFONIC ACID' ? 'C6 H13 N O4 S'  195.237 
MET 'L-peptide linking' y METHIONINE                             ? 'C5 H11 N O2 S'  149.211 
PRO 'L-peptide linking' y PROLINE                                ? 'C5 H9 N O2'     115.130 
SER 'L-peptide linking' y SERINE                                 ? 'C3 H7 N O3'     105.093 
THR 'L-peptide linking' y THREONINE                              ? 'C4 H9 N O3'     119.119 
TRP 'L-peptide linking' y TRYPTOPHAN                             ? 'C11 H12 N2 O2'  204.225 
TYR 'L-peptide linking' y TYROSINE                               ? 'C9 H11 N O3'    181.189 
VAL 'L-peptide linking' y VALINE                                 ? 'C5 H11 N O2'    117.146 
# 
loop_
_pdbx_poly_seq_scheme.asym_id 
_pdbx_poly_seq_scheme.entity_id 
_pdbx_poly_seq_scheme.seq_id 
_pdbx_poly_seq_scheme.mon_id 
_pdbx_poly_seq_scheme.ndb_seq_num 
_pdbx_poly_seq_scheme.pdb_seq_num 
_pdbx_poly_seq_scheme.auth_seq_num 
_pdbx_poly_seq_scheme.pdb_mon_id 
_pdbx_poly_seq_scheme.auth_mon_id 
_pdbx_poly_seq_scheme.pdb_strand_id 
_pdbx_poly_seq_scheme.pdb_ins_code 
_pdbx_poly_seq_scheme.hetero 
A 1 1  ALA 1  -1 ?  ?   ?   A . n 
A 1 2  MET 2  0  0  MET MET A . n 
A 1 3  GLU 3  1  1  GLU GLU A . n 
A 1 4  GLN 4  2  2  GLN GLN A . n 
A 1 5  CYS 5  3  3  CYS CYS A . n 
A 1 6  GLY 6  4  4  GLY GLY A . n 
A 1 7  ARG 7  5  5  ARG ARG A . n 
A 1 8  GLN 8  6  6  GLN GLN A . n 
A 1 9  ALA 9  7  7  ALA ALA A . n 
A 1 10 GLY 10 8  8  GLY GLY A . n 
A 1 11 GLY 11 9  9  GLY GLY A . n 
A 1 12 ALA 12 10 10 ALA ALA A . n 
A 1 13 LEU 13 11 11 LEU LEU A . n 
A 1 14 CYS 14 12 12 CYS CYS A . n 
A 1 15 PRO 15 13 13 PRO PRO A . n 
A 1 16 GLY 16 14 14 GLY GLY A . n 
A 1 17 GLY 17 15 15 GLY GLY A . n 
A 1 18 LEU 18 16 16 LEU LEU A . n 
A 1 19 CYS 19 17 17 CYS CYS A . n 
A 1 20 CYS 20 18 18 CYS CYS A . n 
A 1 21 SER 21 19 19 SER SER A . n 
A 1 22 GLN 22 20 20 GLN GLN A . n 
A 1 23 TYR 23 21 21 TYR TYR A . n 
A 1 24 GLY 24 22 22 GLY GLY A . n 
A 1 25 TRP 25 23 23 TRP TRP A . n 
A 1 26 CYS 26 24 24 CYS CYS A . n 
A 1 27 ALA 27 25 25 ALA ALA A . n 
A 1 28 ASN 28 26 26 ASN ASN A . n 
A 1 29 THR 29 27 27 THR THR A . n 
A 1 30 PRO 30 28 28 PRO PRO A . n 
A 1 31 GLU 31 29 29 GLU GLU A . n 
A 1 32 TYR 32 30 30 TYR TYR A . n 
A 1 33 CYS 33 31 31 CYS CYS A . n 
A 1 34 GLY 34 32 32 GLY GLY A . n 
A 1 35 SER 35 33 33 SER SER A . n 
A 1 36 GLY 36 34 34 GLY GLY A . n 
A 1 37 CYS 37 35 35 CYS CYS A . n 
A 1 38 GLN 38 36 36 GLN GLN A . n 
A 1 39 SER 39 37 37 SER SER A . n 
A 1 40 GLN 40 38 38 GLN GLN A . n 
A 1 41 CYS 41 39 39 CYS CYS A . n 
A 1 42 ASP 42 40 40 ASP ASP A . n 
A 1 43 GLY 43 41 41 GLY GLY A . n 
A 1 44 GLY 44 42 42 GLY GLY A . n 
A 1 45 VAL 45 43 43 VAL VAL A . n 
B 1 1  ALA 1  -1 -1 ALA ALA B . n 
B 1 2  MET 2  0  0  MET MET B . n 
B 1 3  GLU 3  1  1  GLU GLU B . n 
B 1 4  GLN 4  2  2  GLN GLN B . n 
B 1 5  CYS 5  3  3  CYS CYS B . n 
B 1 6  GLY 6  4  4  GLY GLY B . n 
B 1 7  ARG 7  5  5  ARG ARG B . n 
B 1 8  GLN 8  6  6  GLN GLN B . n 
B 1 9  ALA 9  7  7  ALA ALA B . n 
B 1 10 GLY 10 8  8  GLY GLY B . n 
B 1 11 GLY 11 9  9  GLY GLY B . n 
B 1 12 ALA 12 10 10 ALA ALA B . n 
B 1 13 LEU 13 11 11 LEU LEU B . n 
B 1 14 CYS 14 12 12 CYS CYS B . n 
B 1 15 PRO 15 13 13 PRO PRO B . n 
B 1 16 GLY 16 14 14 GLY GLY B . n 
B 1 17 GLY 17 15 15 GLY GLY B . n 
B 1 18 LEU 18 16 16 LEU LEU B . n 
B 1 19 CYS 19 17 17 CYS CYS B . n 
B 1 20 CYS 20 18 18 CYS CYS B . n 
B 1 21 SER 21 19 19 SER SER B . n 
B 1 22 GLN 22 20 20 GLN GLN B . n 
B 1 23 TYR 23 21 21 TYR TYR B . n 
B 1 24 GLY 24 22 22 GLY GLY B . n 
B 1 25 TRP 25 23 23 TRP TRP B . n 
B 1 26 CYS 26 24 24 CYS CYS B . n 
B 1 27 ALA 27 25 25 ALA ALA B . n 
B 1 28 ASN 28 26 26 ASN ASN B . n 
B 1 29 THR 29 27 27 THR THR B . n 
B 1 30 PRO 30 28 28 PRO PRO B . n 
B 1 31 GLU 31 29 29 GLU GLU B . n 
B 1 32 TYR 32 30 30 TYR TYR B . n 
B 1 33 CYS 33 31 31 CYS CYS B . n 
B 1 34 GLY 34 32 32 GLY GLY B . n 
B 1 35 SER 35 33 33 SER SER B . n 
B 1 36 GLY 36 34 34 GLY GLY B . n 
B 1 37 CYS 37 35 35 CYS CYS B . n 
B 1 38 GLN 38 36 36 GLN GLN B . n 
B 1 39 SER 39 37 37 SER SER B . n 
B 1 40 GLN 40 38 38 GLN GLN B . n 
B 1 41 CYS 41 39 39 CYS CYS B . n 
B 1 42 ASP 42 40 40 ASP ASP B . n 
B 1 43 GLY 43 41 41 GLY GLY B . n 
B 1 44 GLY 44 42 42 GLY GLY B . n 
B 1 45 VAL 45 43 43 VAL VAL B . n 
# 
loop_
_pdbx_nonpoly_scheme.asym_id 
_pdbx_nonpoly_scheme.entity_id 
_pdbx_nonpoly_scheme.mon_id 
_pdbx_nonpoly_scheme.ndb_seq_num 
_pdbx_nonpoly_scheme.pdb_seq_num 
_pdbx_nonpoly_scheme.auth_seq_num 
_pdbx_nonpoly_scheme.pdb_mon_id 
_pdbx_nonpoly_scheme.auth_mon_id 
_pdbx_nonpoly_scheme.pdb_strand_id 
_pdbx_nonpoly_scheme.pdb_ins_code 
C 2 MES 1  101 250  MES MES A . 
D 3 DIO 1  101 1159 DIO DIO B . 
E 4 HOH 1  201 1    HOH HOH A . 
E 4 HOH 2  202 3    HOH HOH A . 
E 4 HOH 3  203 4    HOH HOH A . 
E 4 HOH 4  204 5    HOH HOH A . 
E 4 HOH 5  205 8    HOH HOH A . 
E 4 HOH 6  206 9    HOH HOH A . 
E 4 HOH 7  207 13   HOH HOH A . 
E 4 HOH 8  208 14   HOH HOH A . 
E 4 HOH 9  209 16   HOH HOH A . 
E 4 HOH 10 210 18   HOH HOH A . 
E 4 HOH 11 211 22   HOH HOH A . 
E 4 HOH 12 212 23   HOH HOH A . 
E 4 HOH 13 213 24   HOH HOH A . 
E 4 HOH 14 214 27   HOH HOH A . 
E 4 HOH 15 215 29   HOH HOH A . 
E 4 HOH 16 216 30   HOH HOH A . 
E 4 HOH 17 217 31   HOH HOH A . 
E 4 HOH 18 218 32   HOH HOH A . 
E 4 HOH 19 219 38   HOH HOH A . 
E 4 HOH 20 220 39   HOH HOH A . 
E 4 HOH 21 221 40   HOH HOH A . 
E 4 HOH 22 222 42   HOH HOH A . 
E 4 HOH 23 223 43   HOH HOH A . 
E 4 HOH 24 224 44   HOH HOH A . 
E 4 HOH 25 225 46   HOH HOH A . 
E 4 HOH 26 226 50   HOH HOH A . 
E 4 HOH 27 227 51   HOH HOH A . 
E 4 HOH 28 228 52   HOH HOH A . 
E 4 HOH 29 229 53   HOH HOH A . 
E 4 HOH 30 230 54   HOH HOH A . 
E 4 HOH 31 231 55   HOH HOH A . 
E 4 HOH 32 232 56   HOH HOH A . 
E 4 HOH 33 233 58   HOH HOH A . 
E 4 HOH 34 234 60   HOH HOH A . 
E 4 HOH 35 235 62   HOH HOH A . 
E 4 HOH 36 236 63   HOH HOH A . 
E 4 HOH 37 237 64   HOH HOH A . 
E 4 HOH 38 238 68   HOH HOH A . 
E 4 HOH 39 239 71   HOH HOH A . 
E 4 HOH 40 240 77   HOH HOH A . 
E 4 HOH 41 241 78   HOH HOH A . 
E 4 HOH 42 242 81   HOH HOH A . 
E 4 HOH 43 243 83   HOH HOH A . 
E 4 HOH 44 244 84   HOH HOH A . 
E 4 HOH 45 245 85   HOH HOH A . 
F 4 HOH 1  201 2    HOH HOH B . 
F 4 HOH 2  202 6    HOH HOH B . 
F 4 HOH 3  203 7    HOH HOH B . 
F 4 HOH 4  204 10   HOH HOH B . 
F 4 HOH 5  205 11   HOH HOH B . 
F 4 HOH 6  206 12   HOH HOH B . 
F 4 HOH 7  207 15   HOH HOH B . 
F 4 HOH 8  208 17   HOH HOH B . 
F 4 HOH 9  209 19   HOH HOH B . 
F 4 HOH 10 210 20   HOH HOH B . 
F 4 HOH 11 211 21   HOH HOH B . 
F 4 HOH 12 212 25   HOH HOH B . 
F 4 HOH 13 213 26   HOH HOH B . 
F 4 HOH 14 214 28   HOH HOH B . 
F 4 HOH 15 215 33   HOH HOH B . 
F 4 HOH 16 216 34   HOH HOH B . 
F 4 HOH 17 217 35   HOH HOH B . 
F 4 HOH 18 218 36   HOH HOH B . 
F 4 HOH 19 219 37   HOH HOH B . 
F 4 HOH 20 220 41   HOH HOH B . 
F 4 HOH 21 221 45   HOH HOH B . 
F 4 HOH 22 222 47   HOH HOH B . 
F 4 HOH 23 223 48   HOH HOH B . 
F 4 HOH 24 224 49   HOH HOH B . 
F 4 HOH 25 225 57   HOH HOH B . 
F 4 HOH 26 226 59   HOH HOH B . 
F 4 HOH 27 227 61   HOH HOH B . 
F 4 HOH 28 228 65   HOH HOH B . 
F 4 HOH 29 229 66   HOH HOH B . 
F 4 HOH 30 230 67   HOH HOH B . 
F 4 HOH 31 231 69   HOH HOH B . 
F 4 HOH 32 232 70   HOH HOH B . 
F 4 HOH 33 233 72   HOH HOH B . 
F 4 HOH 34 234 73   HOH HOH B . 
F 4 HOH 35 235 74   HOH HOH B . 
F 4 HOH 36 236 75   HOH HOH B . 
F 4 HOH 37 237 76   HOH HOH B . 
F 4 HOH 38 238 79   HOH HOH B . 
F 4 HOH 39 239 80   HOH HOH B . 
F 4 HOH 40 240 82   HOH HOH B . 
# 
loop_
_software.name 
_software.classification 
_software.version 
_software.citation_id 
_software.pdbx_ordinal 
HKL-2000 'data collection' .                             ? 1 
PHASER   phasing           .                             ? 2 
PHENIX   refinement        '(phenix.refine: 1.8.3_1479)' ? 3 
XDS      'data reduction'  .                             ? 4 
SCALA    'data scaling'    .                             ? 5 
# 
_cell.entry_id           4MPI 
_cell.length_a           38.515 
_cell.length_b           38.515 
_cell.length_c           100.934 
_cell.angle_alpha        90.00 
_cell.angle_beta         90.00 
_cell.angle_gamma        120.00 
_cell.Z_PDB              12 
_cell.pdbx_unique_axis   ? 
_cell.length_a_esd       ? 
_cell.length_b_esd       ? 
_cell.length_c_esd       ? 
_cell.angle_alpha_esd    ? 
_cell.angle_beta_esd     ? 
_cell.angle_gamma_esd    ? 
# 
_symmetry.entry_id                         4MPI 
_symmetry.space_group_name_H-M             'P 61' 
_symmetry.pdbx_full_space_group_name_H-M   ? 
_symmetry.cell_setting                     ? 
_symmetry.Int_Tables_number                169 
_symmetry.space_group_name_Hall            ? 
# 
_exptl.entry_id          4MPI 
_exptl.method            'X-RAY DIFFRACTION' 
_exptl.crystals_number   1 
# 
_exptl_crystal.id                    1 
_exptl_crystal.density_meas          ? 
_exptl_crystal.density_Matthews      2.40 
_exptl_crystal.density_percent_sol   48.67 
_exptl_crystal.description           ? 
_exptl_crystal.F_000                 ? 
_exptl_crystal.preparation           ? 
# 
_exptl_crystal_grow.crystal_id      1 
_exptl_crystal_grow.method          'VAPOR DIFFUSION, SITTING DROP' 
_exptl_crystal_grow.temp            291 
_exptl_crystal_grow.temp_details    ? 
_exptl_crystal_grow.pH              7.0 
_exptl_crystal_grow.pdbx_details    
'11 mg/mL protein, 0.1 M MES, pH 7.0, 1.6 M ammonium sulfate, 4% 1,4-dioxane, VAPOR DIFFUSION, SITTING DROP, temperature 291K' 
_exptl_crystal_grow.pdbx_pH_range   ? 
# 
_diffrn.id                     1 
_diffrn.ambient_temp           100 
_diffrn.ambient_temp_details   ? 
_diffrn.crystal_id             1 
# 
_diffrn_detector.diffrn_id              1 
_diffrn_detector.detector               PIXEL 
_diffrn_detector.type                   'DECTRIS PILATUS 6M' 
_diffrn_detector.pdbx_collection_date   2012-06-07 
_diffrn_detector.details                ? 
# 
_diffrn_radiation.diffrn_id                        1 
_diffrn_radiation.wavelength_id                    1 
_diffrn_radiation.pdbx_monochromatic_or_laue_m_l   M 
_diffrn_radiation.monochromator                    'liquid nitrogen cooled channel-cut Si(111)' 
_diffrn_radiation.pdbx_diffrn_protocol             'SINGLE WAVELENGTH' 
_diffrn_radiation.pdbx_scattering_type             x-ray 
# 
_diffrn_radiation_wavelength.id           1 
_diffrn_radiation_wavelength.wavelength   0.9791 
_diffrn_radiation_wavelength.wt           1.0 
# 
_diffrn_source.diffrn_id                   1 
_diffrn_source.source                      SYNCHROTRON 
_diffrn_source.type                        'ESRF BEAMLINE ID29' 
_diffrn_source.pdbx_synchrotron_site       ESRF 
_diffrn_source.pdbx_synchrotron_beamline   ID29 
_diffrn_source.pdbx_wavelength             ? 
_diffrn_source.pdbx_wavelength_list        0.9791 
# 
_reflns.entry_id                     4MPI 
_reflns.observed_criterion_sigma_I   1.0 
_reflns.observed_criterion_sigma_F   1.0 
_reflns.d_resolution_low             33.355 
_reflns.d_resolution_high            1.602 
_reflns.number_obs                   11117 
_reflns.number_all                   11176 
_reflns.percent_possible_obs         99.47 
_reflns.pdbx_Rmerge_I_obs            0.037 
_reflns.pdbx_Rsym_value              0.037 
_reflns.pdbx_netI_over_sigmaI        21.13 
_reflns.B_iso_Wilson_estimate        12.65 
_reflns.pdbx_redundancy              3.5 
_reflns.R_free_details               ? 
_reflns.limit_h_max                  ? 
_reflns.limit_h_min                  ? 
_reflns.limit_k_max                  ? 
_reflns.limit_k_min                  ? 
_reflns.limit_l_max                  ? 
_reflns.limit_l_min                  ? 
_reflns.observed_criterion_F_max     ? 
_reflns.observed_criterion_F_min     ? 
_reflns.pdbx_chi_squared             ? 
_reflns.pdbx_scaling_rejects         ? 
_reflns.pdbx_ordinal                 1 
_reflns.pdbx_diffrn_id               1 
# 
loop_
_reflns_shell.d_res_high 
_reflns_shell.d_res_low 
_reflns_shell.percent_possible_all 
_reflns_shell.Rmerge_I_obs 
_reflns_shell.pdbx_Rsym_value 
_reflns_shell.meanI_over_sigI_obs 
_reflns_shell.pdbx_redundancy 
_reflns_shell.percent_possible_obs 
_reflns_shell.number_unique_all 
_reflns_shell.number_measured_all 
_reflns_shell.number_measured_obs 
_reflns_shell.number_unique_obs 
_reflns_shell.pdbx_chi_squared 
_reflns_shell.pdbx_ordinal 
_reflns_shell.pdbx_diffrn_id 
1.602 1.68  99.5 0.216 0.216 4.9  2.7 ? 1500 ? ? ? ? 1  1 
1.68  1.79  99.9 0.178 0.178 7.5  3.7 ? 1545 ? ? ? ? 2  1 
1.79  1.91  99.9 0.109 0.109 10.9 3.6 ? 1442 ? ? ? ? 3  1 
1.91  2.06  99.9 0.074 0.074 15.6 3.6 ? 1353 ? ? ? ? 4  1 
2.06  2.26  99.9 0.048 0.048 21.8 3.6 ? 1265 ? ? ? ? 5  1 
2.26  2.53  99.9 0.036 0.036 27.3 3.5 ? 1131 ? ? ? ? 6  1 
2.53  2.92  99.9 0.030 0.030 32.8 3.5 ? 999  ? ? ? ? 7  1 
2.92  3.57  99.9 0.025 0.025 42.6 3.4 ? 845  ? ? ? ? 8  1 
3.57  5.05  99.8 0.022 0.022 49.9 3.5 ? 656  ? ? ? ? 9  1 
5.05  33.64 99.9 0.022 0.022 48.2 3.3 ? 381  ? ? ? ? 10 1 
# 
_refine.entry_id                                 4MPI 
_refine.ls_number_reflns_obs                     11067 
_refine.ls_number_reflns_all                     11140 
_refine.pdbx_ls_sigma_I                          ? 
_refine.pdbx_ls_sigma_F                          1.36 
_refine.pdbx_data_cutoff_high_absF               ? 
_refine.pdbx_data_cutoff_low_absF                ? 
_refine.pdbx_data_cutoff_high_rms_absF           ? 
_refine.ls_d_res_low                             33.355 
_refine.ls_d_res_high                            1.602 
_refine.ls_percent_reflns_obs                    99.34 
_refine.ls_R_factor_obs                          0.1803 
_refine.ls_R_factor_all                          0.185 
_refine.ls_R_factor_R_work                       0.1786 
_refine.ls_R_factor_R_free                       0.2160 
_refine.ls_R_factor_R_free_error                 ? 
_refine.ls_R_factor_R_free_error_details         ? 
_refine.ls_percent_reflns_R_free                 4.79 
_refine.ls_number_reflns_R_free                  530 
_refine.ls_number_parameters                     ? 
_refine.ls_number_restraints                     ? 
_refine.occupancy_min                            ? 
_refine.occupancy_max                            ? 
_refine.correlation_coeff_Fo_to_Fc               ? 
_refine.correlation_coeff_Fo_to_Fc_free          ? 
_refine.B_iso_mean                               ? 
_refine.aniso_B[1][1]                            ? 
_refine.aniso_B[2][2]                            ? 
_refine.aniso_B[3][3]                            ? 
_refine.aniso_B[1][2]                            ? 
_refine.aniso_B[1][3]                            ? 
_refine.aniso_B[2][3]                            ? 
_refine.solvent_model_details                    'FLAT BULK SOLVENT MODEL' 
_refine.solvent_model_param_ksol                 ? 
_refine.solvent_model_param_bsol                 ? 
_refine.pdbx_solvent_vdw_probe_radii             1.11 
_refine.pdbx_solvent_ion_probe_radii             ? 
_refine.pdbx_solvent_shrinkage_radii             0.90 
_refine.pdbx_ls_cross_valid_method               THROUGHOUT 
_refine.details                                  ? 
_refine.pdbx_starting_model                      'PDB ENTRY 1Q9B' 
_refine.pdbx_method_to_determine_struct          'MOLECULAR REPLACEMENT' 
_refine.pdbx_isotropic_thermal_model             ISOTROPIC 
_refine.pdbx_stereochemistry_target_values       ML 
_refine.pdbx_stereochem_target_val_spec_case     ? 
_refine.pdbx_R_Free_selection_details            RANDOM 
_refine.pdbx_overall_ESU_R                       ? 
_refine.pdbx_overall_ESU_R_Free                  ? 
_refine.overall_SU_ML                            0.13 
_refine.pdbx_overall_phase_error                 24.27 
_refine.overall_SU_B                             ? 
_refine.overall_SU_R_Cruickshank_DPI             ? 
_refine.ls_redundancy_reflns_obs                 ? 
_refine.B_iso_min                                ? 
_refine.B_iso_max                                ? 
_refine.overall_SU_R_free                        ? 
_refine.ls_wR_factor_R_free                      ? 
_refine.ls_wR_factor_R_work                      ? 
_refine.overall_FOM_free_R_set                   ? 
_refine.overall_FOM_work_R_set                   ? 
_refine.pdbx_diffrn_id                           1 
_refine.pdbx_refine_id                           'X-RAY DIFFRACTION' 
_refine.pdbx_TLS_residual_ADP_flag               ? 
_refine.pdbx_overall_SU_R_free_Cruickshank_DPI   ? 
_refine.pdbx_overall_SU_R_Blow_DPI               ? 
_refine.pdbx_overall_SU_R_free_Blow_DPI          ? 
# 
_refine_hist.pdbx_refine_id                   'X-RAY DIFFRACTION' 
_refine_hist.cycle_id                         LAST 
_refine_hist.pdbx_number_atoms_protein        608 
_refine_hist.pdbx_number_atoms_nucleic_acid   0 
_refine_hist.pdbx_number_atoms_ligand         18 
_refine_hist.number_atoms_solvent             85 
_refine_hist.number_atoms_total               711 
_refine_hist.d_res_high                       1.602 
_refine_hist.d_res_low                        33.355 
# 
loop_
_refine_ls_restr.type 
_refine_ls_restr.dev_ideal 
_refine_ls_restr.dev_ideal_target 
_refine_ls_restr.weight 
_refine_ls_restr.number 
_refine_ls_restr.pdbx_restraint_function 
_refine_ls_restr.pdbx_refine_id 
f_bond_d           0.006  ? ? 660 ? 'X-RAY DIFFRACTION' 
f_angle_d          1.108  ? ? 880 ? 'X-RAY DIFFRACTION' 
f_dihedral_angle_d 15.823 ? ? 242 ? 'X-RAY DIFFRACTION' 
f_chiral_restr     0.033  ? ? 80  ? 'X-RAY DIFFRACTION' 
f_plane_restr      0.004  ? ? 123 ? 'X-RAY DIFFRACTION' 
# 
loop_
_refine_ls_shell.pdbx_total_number_of_bins_used 
_refine_ls_shell.d_res_high 
_refine_ls_shell.d_res_low 
_refine_ls_shell.number_reflns_R_work 
_refine_ls_shell.R_factor_R_work 
_refine_ls_shell.percent_reflns_obs 
_refine_ls_shell.R_factor_R_free 
_refine_ls_shell.R_factor_R_free_error 
_refine_ls_shell.percent_reflns_R_free 
_refine_ls_shell.number_reflns_R_free 
_refine_ls_shell.number_reflns_all 
_refine_ls_shell.R_factor_all 
_refine_ls_shell.number_reflns_obs 
_refine_ls_shell.redundancy_reflns_obs 
_refine_ls_shell.pdbx_refine_id 
. 1.602  1.7627  2591 0.2228 98.0  0.2696 . . 134 . . . . 'X-RAY DIFFRACTION' 
. 1.7627 2.0177  2643 0.1936 100.0 0.2106 . . 131 . . . . 'X-RAY DIFFRACTION' 
. 2.0177 2.5420  2619 0.1902 100.0 0.2363 . . 146 . . . . 'X-RAY DIFFRACTION' 
. 2.5420 33.3622 2684 0.1591 100.0 0.1910 . . 119 . . . . 'X-RAY DIFFRACTION' 
# 
_struct.entry_id                  4MPI 
_struct.title                     
'Crystal structure of the chitin-binding module (CBM18) of a chitinase-like protein from Hevea brasiliensis' 
_struct.pdbx_model_details        ? 
_struct.pdbx_CASP_flag            ? 
_struct.pdbx_model_type_details   ? 
# 
_struct_keywords.entry_id        4MPI 
_struct_keywords.pdbx_keywords   'SUGAR BINDING PROTEIN' 
_struct_keywords.text            'hevein-like domain, chitin oligomers, SUGAR BINDING PROTEIN' 
# 
loop_
_struct_asym.id 
_struct_asym.pdbx_blank_PDB_chainid_flag 
_struct_asym.pdbx_modified 
_struct_asym.entity_id 
_struct_asym.details 
A N N 1 ? 
B N N 1 ? 
C N N 2 ? 
D N N 3 ? 
E N N 4 ? 
F N N 4 ? 
# 
_struct_ref.id                         1 
_struct_ref.db_name                    UNP 
_struct_ref.db_code                    Q8GUD7_HEVBR 
_struct_ref.pdbx_db_accession          Q8GUD7 
_struct_ref.entity_id                  1 
_struct_ref.pdbx_seq_one_letter_code   EQCGRQAGGALCPGGLCCSQYGWCANTPEYCGSGCQSQCDGGV 
_struct_ref.pdbx_align_begin           1 
_struct_ref.pdbx_db_isoform            ? 
# 
loop_
_struct_ref_seq.align_id 
_struct_ref_seq.ref_id 
_struct_ref_seq.pdbx_PDB_id_code 
_struct_ref_seq.pdbx_strand_id 
_struct_ref_seq.seq_align_beg 
_struct_ref_seq.pdbx_seq_align_beg_ins_code 
_struct_ref_seq.seq_align_end 
_struct_ref_seq.pdbx_seq_align_end_ins_code 
_struct_ref_seq.pdbx_db_accession 
_struct_ref_seq.db_align_beg 
_struct_ref_seq.pdbx_db_align_beg_ins_code 
_struct_ref_seq.db_align_end 
_struct_ref_seq.pdbx_db_align_end_ins_code 
_struct_ref_seq.pdbx_auth_seq_align_beg 
_struct_ref_seq.pdbx_auth_seq_align_end 
1 1 4MPI A 3 ? 45 ? Q8GUD7 1 ? 43 ? 1 43 
2 1 4MPI B 3 ? 45 ? Q8GUD7 1 ? 43 ? 1 43 
# 
loop_
_struct_ref_seq_dif.align_id 
_struct_ref_seq_dif.pdbx_pdb_id_code 
_struct_ref_seq_dif.mon_id 
_struct_ref_seq_dif.pdbx_pdb_strand_id 
_struct_ref_seq_dif.seq_num 
_struct_ref_seq_dif.pdbx_pdb_ins_code 
_struct_ref_seq_dif.pdbx_seq_db_name 
_struct_ref_seq_dif.pdbx_seq_db_accession_code 
_struct_ref_seq_dif.db_mon_id 
_struct_ref_seq_dif.pdbx_seq_db_seq_num 
_struct_ref_seq_dif.details 
_struct_ref_seq_dif.pdbx_auth_seq_num 
_struct_ref_seq_dif.pdbx_ordinal 
1 4MPI ALA A 1 ? UNP Q8GUD7 ? ? 'expression tag' -1 1 
1 4MPI MET A 2 ? UNP Q8GUD7 ? ? 'expression tag' 0  2 
2 4MPI ALA B 1 ? UNP Q8GUD7 ? ? 'expression tag' -1 3 
2 4MPI MET B 2 ? UNP Q8GUD7 ? ? 'expression tag' 0  4 
# 
loop_
_pdbx_struct_assembly.id 
_pdbx_struct_assembly.details 
_pdbx_struct_assembly.method_details 
_pdbx_struct_assembly.oligomeric_details 
_pdbx_struct_assembly.oligomeric_count 
1 author_and_software_defined_assembly PISA monomeric 1 
2 author_and_software_defined_assembly PISA monomeric 1 
# 
loop_
_pdbx_struct_assembly_gen.assembly_id 
_pdbx_struct_assembly_gen.oper_expression 
_pdbx_struct_assembly_gen.asym_id_list 
1 1 A,C,E 
2 1 B,D,F 
# 
_pdbx_struct_oper_list.id                   1 
_pdbx_struct_oper_list.type                 'identity operation' 
_pdbx_struct_oper_list.name                 1_555 
_pdbx_struct_oper_list.symmetry_operation   x,y,z 
_pdbx_struct_oper_list.matrix[1][1]         1.0000000000 
_pdbx_struct_oper_list.matrix[1][2]         0.0000000000 
_pdbx_struct_oper_list.matrix[1][3]         0.0000000000 
_pdbx_struct_oper_list.vector[1]            0.0000000000 
_pdbx_struct_oper_list.matrix[2][1]         0.0000000000 
_pdbx_struct_oper_list.matrix[2][2]         1.0000000000 
_pdbx_struct_oper_list.matrix[2][3]         0.0000000000 
_pdbx_struct_oper_list.vector[2]            0.0000000000 
_pdbx_struct_oper_list.matrix[3][1]         0.0000000000 
_pdbx_struct_oper_list.matrix[3][2]         0.0000000000 
_pdbx_struct_oper_list.matrix[3][3]         1.0000000000 
_pdbx_struct_oper_list.vector[3]            0.0000000000 
# 
_struct_biol.id        1 
_struct_biol.details   ? 
# 
loop_
_struct_conf.conf_type_id 
_struct_conf.id 
_struct_conf.pdbx_PDB_helix_id 
_struct_conf.beg_label_comp_id 
_struct_conf.beg_label_asym_id 
_struct_conf.beg_label_seq_id 
_struct_conf.pdbx_beg_PDB_ins_code 
_struct_conf.end_label_comp_id 
_struct_conf.end_label_asym_id 
_struct_conf.end_label_seq_id 
_struct_conf.pdbx_end_PDB_ins_code 
_struct_conf.beg_auth_comp_id 
_struct_conf.beg_auth_asym_id 
_struct_conf.beg_auth_seq_id 
_struct_conf.end_auth_comp_id 
_struct_conf.end_auth_asym_id 
_struct_conf.end_auth_seq_id 
_struct_conf.pdbx_PDB_helix_class 
_struct_conf.details 
_struct_conf.pdbx_PDB_helix_length 
HELX_P HELX_P1 1 CYS A 5  ? GLY A 10 ? CYS A 3  GLY A 8  5 ? 6 
HELX_P HELX_P2 2 CYS A 14 ? LEU A 18 ? CYS A 12 LEU A 16 5 ? 5 
HELX_P HELX_P3 3 THR A 29 ? GLY A 34 ? THR A 27 GLY A 32 1 ? 6 
HELX_P HELX_P4 4 CYS B 5  ? GLY B 10 ? CYS B 3  GLY B 8  5 ? 6 
HELX_P HELX_P5 5 THR B 29 ? GLY B 34 ? THR B 27 GLY B 32 1 ? 6 
# 
_struct_conf_type.id          HELX_P 
_struct_conf_type.criteria    ? 
_struct_conf_type.reference   ? 
# 
loop_
_struct_conn.id 
_struct_conn.conn_type_id 
_struct_conn.pdbx_leaving_atom_flag 
_struct_conn.pdbx_PDB_id 
_struct_conn.ptnr1_label_asym_id 
_struct_conn.ptnr1_label_comp_id 
_struct_conn.ptnr1_label_seq_id 
_struct_conn.ptnr1_label_atom_id 
_struct_conn.pdbx_ptnr1_label_alt_id 
_struct_conn.pdbx_ptnr1_PDB_ins_code 
_struct_conn.pdbx_ptnr1_standard_comp_id 
_struct_conn.ptnr1_symmetry 
_struct_conn.ptnr2_label_asym_id 
_struct_conn.ptnr2_label_comp_id 
_struct_conn.ptnr2_label_seq_id 
_struct_conn.ptnr2_label_atom_id 
_struct_conn.pdbx_ptnr2_label_alt_id 
_struct_conn.pdbx_ptnr2_PDB_ins_code 
_struct_conn.ptnr1_auth_asym_id 
_struct_conn.ptnr1_auth_comp_id 
_struct_conn.ptnr1_auth_seq_id 
_struct_conn.ptnr2_auth_asym_id 
_struct_conn.ptnr2_auth_comp_id 
_struct_conn.ptnr2_auth_seq_id 
_struct_conn.ptnr2_symmetry 
_struct_conn.pdbx_ptnr3_label_atom_id 
_struct_conn.pdbx_ptnr3_label_seq_id 
_struct_conn.pdbx_ptnr3_label_comp_id 
_struct_conn.pdbx_ptnr3_label_asym_id 
_struct_conn.pdbx_ptnr3_label_alt_id 
_struct_conn.pdbx_ptnr3_PDB_ins_code 
_struct_conn.details 
_struct_conn.pdbx_dist_value 
_struct_conn.pdbx_value_order 
_struct_conn.pdbx_role 
disulf1 disulf ? ? A CYS 5  SG ? ? ? 1_555 A CYS 20 SG ? ? A CYS 3  A CYS 18 1_555 ? ? ? ? ? ? ? 2.032 ? ? 
disulf2 disulf ? ? A CYS 14 SG ? ? ? 1_555 A CYS 26 SG ? ? A CYS 12 A CYS 24 1_555 ? ? ? ? ? ? ? 2.031 ? ? 
disulf3 disulf ? ? A CYS 19 SG ? ? ? 1_555 A CYS 33 SG ? ? A CYS 17 A CYS 31 1_555 ? ? ? ? ? ? ? 2.036 ? ? 
disulf4 disulf ? ? A CYS 37 SG ? ? ? 1_555 A CYS 41 SG ? ? A CYS 35 A CYS 39 1_555 ? ? ? ? ? ? ? 2.028 ? ? 
disulf5 disulf ? ? B CYS 5  SG ? ? ? 1_555 B CYS 20 SG ? ? B CYS 3  B CYS 18 1_555 ? ? ? ? ? ? ? 2.037 ? ? 
disulf6 disulf ? ? B CYS 14 SG ? ? ? 1_555 B CYS 26 SG ? ? B CYS 12 B CYS 24 1_555 ? ? ? ? ? ? ? 2.025 ? ? 
disulf7 disulf ? ? B CYS 19 SG ? ? ? 1_555 B CYS 33 SG ? ? B CYS 17 B CYS 31 1_555 ? ? ? ? ? ? ? 2.041 ? ? 
disulf8 disulf ? ? B CYS 37 SG ? ? ? 1_555 B CYS 41 SG ? ? B CYS 35 B CYS 39 1_555 ? ? ? ? ? ? ? 2.047 ? ? 
# 
_struct_conn_type.id          disulf 
_struct_conn_type.criteria    ? 
_struct_conn_type.reference   ? 
# 
loop_
_pdbx_modification_feature.ordinal 
_pdbx_modification_feature.label_comp_id 
_pdbx_modification_feature.label_asym_id 
_pdbx_modification_feature.label_seq_id 
_pdbx_modification_feature.label_alt_id 
_pdbx_modification_feature.modified_residue_label_comp_id 
_pdbx_modification_feature.modified_residue_label_asym_id 
_pdbx_modification_feature.modified_residue_label_seq_id 
_pdbx_modification_feature.modified_residue_label_alt_id 
_pdbx_modification_feature.auth_comp_id 
_pdbx_modification_feature.auth_asym_id 
_pdbx_modification_feature.auth_seq_id 
_pdbx_modification_feature.PDB_ins_code 
_pdbx_modification_feature.symmetry 
_pdbx_modification_feature.modified_residue_auth_comp_id 
_pdbx_modification_feature.modified_residue_auth_asym_id 
_pdbx_modification_feature.modified_residue_auth_seq_id 
_pdbx_modification_feature.modified_residue_PDB_ins_code 
_pdbx_modification_feature.modified_residue_symmetry 
_pdbx_modification_feature.comp_id_linking_atom 
_pdbx_modification_feature.modified_residue_id_linking_atom 
_pdbx_modification_feature.modified_residue_id 
_pdbx_modification_feature.ref_pcm_id 
_pdbx_modification_feature.ref_comp_id 
_pdbx_modification_feature.type 
_pdbx_modification_feature.category 
1 CYS A 5  ? CYS A 20 ? CYS A 3  ? 1_555 CYS A 18 ? 1_555 SG SG . . . None 'Disulfide bridge' 
2 CYS A 14 ? CYS A 26 ? CYS A 12 ? 1_555 CYS A 24 ? 1_555 SG SG . . . None 'Disulfide bridge' 
3 CYS A 19 ? CYS A 33 ? CYS A 17 ? 1_555 CYS A 31 ? 1_555 SG SG . . . None 'Disulfide bridge' 
4 CYS A 37 ? CYS A 41 ? CYS A 35 ? 1_555 CYS A 39 ? 1_555 SG SG . . . None 'Disulfide bridge' 
5 CYS B 5  ? CYS B 20 ? CYS B 3  ? 1_555 CYS B 18 ? 1_555 SG SG . . . None 'Disulfide bridge' 
6 CYS B 14 ? CYS B 26 ? CYS B 12 ? 1_555 CYS B 24 ? 1_555 SG SG . . . None 'Disulfide bridge' 
7 CYS B 19 ? CYS B 33 ? CYS B 17 ? 1_555 CYS B 31 ? 1_555 SG SG . . . None 'Disulfide bridge' 
8 CYS B 37 ? CYS B 41 ? CYS B 35 ? 1_555 CYS B 39 ? 1_555 SG SG . . . None 'Disulfide bridge' 
# 
loop_
_struct_sheet.id 
_struct_sheet.type 
_struct_sheet.number_strands 
_struct_sheet.details 
A ? 2 ? 
B ? 2 ? 
# 
loop_
_struct_sheet_order.sheet_id 
_struct_sheet_order.range_id_1 
_struct_sheet_order.range_id_2 
_struct_sheet_order.offset 
_struct_sheet_order.sense 
A 1 2 ? anti-parallel 
B 1 2 ? anti-parallel 
# 
loop_
_struct_sheet_range.sheet_id 
_struct_sheet_range.id 
_struct_sheet_range.beg_label_comp_id 
_struct_sheet_range.beg_label_asym_id 
_struct_sheet_range.beg_label_seq_id 
_struct_sheet_range.pdbx_beg_PDB_ins_code 
_struct_sheet_range.end_label_comp_id 
_struct_sheet_range.end_label_asym_id 
_struct_sheet_range.end_label_seq_id 
_struct_sheet_range.pdbx_end_PDB_ins_code 
_struct_sheet_range.beg_auth_comp_id 
_struct_sheet_range.beg_auth_asym_id 
_struct_sheet_range.beg_auth_seq_id 
_struct_sheet_range.end_auth_comp_id 
_struct_sheet_range.end_auth_asym_id 
_struct_sheet_range.end_auth_seq_id 
A 1 CYS A 19 ? CYS A 20 ? CYS A 17 CYS A 18 
A 2 CYS A 26 ? ALA A 27 ? CYS A 24 ALA A 25 
B 1 CYS B 19 ? CYS B 20 ? CYS B 17 CYS B 18 
B 2 CYS B 26 ? ALA B 27 ? CYS B 24 ALA B 25 
# 
loop_
_pdbx_struct_sheet_hbond.sheet_id 
_pdbx_struct_sheet_hbond.range_id_1 
_pdbx_struct_sheet_hbond.range_id_2 
_pdbx_struct_sheet_hbond.range_1_label_atom_id 
_pdbx_struct_sheet_hbond.range_1_label_comp_id 
_pdbx_struct_sheet_hbond.range_1_label_asym_id 
_pdbx_struct_sheet_hbond.range_1_label_seq_id 
_pdbx_struct_sheet_hbond.range_1_PDB_ins_code 
_pdbx_struct_sheet_hbond.range_1_auth_atom_id 
_pdbx_struct_sheet_hbond.range_1_auth_comp_id 
_pdbx_struct_sheet_hbond.range_1_auth_asym_id 
_pdbx_struct_sheet_hbond.range_1_auth_seq_id 
_pdbx_struct_sheet_hbond.range_2_label_atom_id 
_pdbx_struct_sheet_hbond.range_2_label_comp_id 
_pdbx_struct_sheet_hbond.range_2_label_asym_id 
_pdbx_struct_sheet_hbond.range_2_label_seq_id 
_pdbx_struct_sheet_hbond.range_2_PDB_ins_code 
_pdbx_struct_sheet_hbond.range_2_auth_atom_id 
_pdbx_struct_sheet_hbond.range_2_auth_comp_id 
_pdbx_struct_sheet_hbond.range_2_auth_asym_id 
_pdbx_struct_sheet_hbond.range_2_auth_seq_id 
A 1 2 N CYS A 19 ? N CYS A 17 O ALA A 27 ? O ALA A 25 
B 1 2 N CYS B 19 ? N CYS B 17 O ALA B 27 ? O ALA B 25 
# 
loop_
_struct_site.id 
_struct_site.pdbx_evidence_code 
_struct_site.pdbx_auth_asym_id 
_struct_site.pdbx_auth_comp_id 
_struct_site.pdbx_auth_seq_id 
_struct_site.pdbx_auth_ins_code 
_struct_site.pdbx_num_residues 
_struct_site.details 
AC1 Software A MES 101 ? 6 'BINDING SITE FOR RESIDUE MES A 101' 
AC2 Software B DIO 101 ? 3 'BINDING SITE FOR RESIDUE DIO B 101' 
# 
loop_
_struct_site_gen.id 
_struct_site_gen.site_id 
_struct_site_gen.pdbx_num_res 
_struct_site_gen.label_comp_id 
_struct_site_gen.label_asym_id 
_struct_site_gen.label_seq_id 
_struct_site_gen.pdbx_auth_ins_code 
_struct_site_gen.auth_comp_id 
_struct_site_gen.auth_asym_id 
_struct_site_gen.auth_seq_id 
_struct_site_gen.label_atom_id 
_struct_site_gen.label_alt_id 
_struct_site_gen.symmetry 
_struct_site_gen.details 
1 AC1 6 MET A 2  ? MET A 0   . ? 1_555 ? 
2 AC1 6 TRP A 25 ? TRP A 23  . ? 1_555 ? 
3 AC1 6 PRO A 30 ? PRO A 28  . ? 5_464 ? 
4 AC1 6 MET B 2  ? MET B 0   . ? 5_464 ? 
5 AC1 6 TRP B 25 ? TRP B 23  . ? 5_464 ? 
6 AC1 6 PRO B 30 ? PRO B 28  . ? 1_555 ? 
7 AC2 3 PRO B 15 ? PRO B 13  . ? 1_555 ? 
8 AC2 3 GLY B 16 ? GLY B 14  . ? 1_555 ? 
9 AC2 3 HOH F .  ? HOH B 239 . ? 5_464 ? 
# 
_pdbx_entry_details.entry_id                   4MPI 
_pdbx_entry_details.compound_details           ? 
_pdbx_entry_details.source_details             ? 
_pdbx_entry_details.nonpolymer_details         ? 
_pdbx_entry_details.sequence_details           ? 
_pdbx_entry_details.has_ligand_of_interest     ? 
_pdbx_entry_details.has_protein_modification   Y 
# 
loop_
_pdbx_validate_torsion.id 
_pdbx_validate_torsion.PDB_model_num 
_pdbx_validate_torsion.auth_comp_id 
_pdbx_validate_torsion.auth_asym_id 
_pdbx_validate_torsion.auth_seq_id 
_pdbx_validate_torsion.PDB_ins_code 
_pdbx_validate_torsion.label_alt_id 
_pdbx_validate_torsion.phi 
_pdbx_validate_torsion.psi 
1 1 ALA A 7  ? ? -142.33 48.60 
2 1 ASN B 26 ? ? -119.40 53.00 
# 
_pdbx_unobs_or_zero_occ_residues.id               1 
_pdbx_unobs_or_zero_occ_residues.PDB_model_num    1 
_pdbx_unobs_or_zero_occ_residues.polymer_flag     Y 
_pdbx_unobs_or_zero_occ_residues.occupancy_flag   1 
_pdbx_unobs_or_zero_occ_residues.auth_asym_id     A 
_pdbx_unobs_or_zero_occ_residues.auth_comp_id     ALA 
_pdbx_unobs_or_zero_occ_residues.auth_seq_id      -1 
_pdbx_unobs_or_zero_occ_residues.PDB_ins_code     ? 
_pdbx_unobs_or_zero_occ_residues.label_asym_id    A 
_pdbx_unobs_or_zero_occ_residues.label_comp_id    ALA 
_pdbx_unobs_or_zero_occ_residues.label_seq_id     1 
# 
loop_
_chem_comp_atom.comp_id 
_chem_comp_atom.atom_id 
_chem_comp_atom.type_symbol 
_chem_comp_atom.pdbx_aromatic_flag 
_chem_comp_atom.pdbx_stereo_config 
_chem_comp_atom.pdbx_ordinal 
ALA N      N N N 1   
ALA CA     C N S 2   
ALA C      C N N 3   
ALA O      O N N 4   
ALA CB     C N N 5   
ALA OXT    O N N 6   
ALA H      H N N 7   
ALA H2     H N N 8   
ALA HA     H N N 9   
ALA HB1    H N N 10  
ALA HB2    H N N 11  
ALA HB3    H N N 12  
ALA HXT    H N N 13  
ARG N      N N N 14  
ARG CA     C N S 15  
ARG C      C N N 16  
ARG O      O N N 17  
ARG CB     C N N 18  
ARG CG     C N N 19  
ARG CD     C N N 20  
ARG NE     N N N 21  
ARG CZ     C N N 22  
ARG NH1    N N N 23  
ARG NH2    N N N 24  
ARG OXT    O N N 25  
ARG H      H N N 26  
ARG H2     H N N 27  
ARG HA     H N N 28  
ARG HB2    H N N 29  
ARG HB3    H N N 30  
ARG HG2    H N N 31  
ARG HG3    H N N 32  
ARG HD2    H N N 33  
ARG HD3    H N N 34  
ARG HE     H N N 35  
ARG HH11   H N N 36  
ARG HH12   H N N 37  
ARG HH21   H N N 38  
ARG HH22   H N N 39  
ARG HXT    H N N 40  
ASN N      N N N 41  
ASN CA     C N S 42  
ASN C      C N N 43  
ASN O      O N N 44  
ASN CB     C N N 45  
ASN CG     C N N 46  
ASN OD1    O N N 47  
ASN ND2    N N N 48  
ASN OXT    O N N 49  
ASN H      H N N 50  
ASN H2     H N N 51  
ASN HA     H N N 52  
ASN HB2    H N N 53  
ASN HB3    H N N 54  
ASN HD21   H N N 55  
ASN HD22   H N N 56  
ASN HXT    H N N 57  
ASP N      N N N 58  
ASP CA     C N S 59  
ASP C      C N N 60  
ASP O      O N N 61  
ASP CB     C N N 62  
ASP CG     C N N 63  
ASP OD1    O N N 64  
ASP OD2    O N N 65  
ASP OXT    O N N 66  
ASP H      H N N 67  
ASP H2     H N N 68  
ASP HA     H N N 69  
ASP HB2    H N N 70  
ASP HB3    H N N 71  
ASP HD2    H N N 72  
ASP HXT    H N N 73  
CYS N      N N N 74  
CYS CA     C N R 75  
CYS C      C N N 76  
CYS O      O N N 77  
CYS CB     C N N 78  
CYS SG     S N N 79  
CYS OXT    O N N 80  
CYS H      H N N 81  
CYS H2     H N N 82  
CYS HA     H N N 83  
CYS HB2    H N N 84  
CYS HB3    H N N 85  
CYS HG     H N N 86  
CYS HXT    H N N 87  
DIO C1     C N N 88  
DIO C2     C N N 89  
DIO "C1'"  C N N 90  
DIO "C2'"  C N N 91  
DIO O1     O N N 92  
DIO "O1'"  O N N 93  
DIO H11    H N N 94  
DIO H12    H N N 95  
DIO H21    H N N 96  
DIO H22    H N N 97  
DIO "H1'1" H N N 98  
DIO "H1'2" H N N 99  
DIO "H2'1" H N N 100 
DIO "H2'2" H N N 101 
GLN N      N N N 102 
GLN CA     C N S 103 
GLN C      C N N 104 
GLN O      O N N 105 
GLN CB     C N N 106 
GLN CG     C N N 107 
GLN CD     C N N 108 
GLN OE1    O N N 109 
GLN NE2    N N N 110 
GLN OXT    O N N 111 
GLN H      H N N 112 
GLN H2     H N N 113 
GLN HA     H N N 114 
GLN HB2    H N N 115 
GLN HB3    H N N 116 
GLN HG2    H N N 117 
GLN HG3    H N N 118 
GLN HE21   H N N 119 
GLN HE22   H N N 120 
GLN HXT    H N N 121 
GLU N      N N N 122 
GLU CA     C N S 123 
GLU C      C N N 124 
GLU O      O N N 125 
GLU CB     C N N 126 
GLU CG     C N N 127 
GLU CD     C N N 128 
GLU OE1    O N N 129 
GLU OE2    O N N 130 
GLU OXT    O N N 131 
GLU H      H N N 132 
GLU H2     H N N 133 
GLU HA     H N N 134 
GLU HB2    H N N 135 
GLU HB3    H N N 136 
GLU HG2    H N N 137 
GLU HG3    H N N 138 
GLU HE2    H N N 139 
GLU HXT    H N N 140 
GLY N      N N N 141 
GLY CA     C N N 142 
GLY C      C N N 143 
GLY O      O N N 144 
GLY OXT    O N N 145 
GLY H      H N N 146 
GLY H2     H N N 147 
GLY HA2    H N N 148 
GLY HA3    H N N 149 
GLY HXT    H N N 150 
HOH O      O N N 151 
HOH H1     H N N 152 
HOH H2     H N N 153 
LEU N      N N N 154 
LEU CA     C N S 155 
LEU C      C N N 156 
LEU O      O N N 157 
LEU CB     C N N 158 
LEU CG     C N N 159 
LEU CD1    C N N 160 
LEU CD2    C N N 161 
LEU OXT    O N N 162 
LEU H      H N N 163 
LEU H2     H N N 164 
LEU HA     H N N 165 
LEU HB2    H N N 166 
LEU HB3    H N N 167 
LEU HG     H N N 168 
LEU HD11   H N N 169 
LEU HD12   H N N 170 
LEU HD13   H N N 171 
LEU HD21   H N N 172 
LEU HD22   H N N 173 
LEU HD23   H N N 174 
LEU HXT    H N N 175 
MES O1     O N N 176 
MES C2     C N N 177 
MES C3     C N N 178 
MES N4     N N N 179 
MES C5     C N N 180 
MES C6     C N N 181 
MES C7     C N N 182 
MES C8     C N N 183 
MES S      S N N 184 
MES O1S    O N N 185 
MES O2S    O N N 186 
MES O3S    O N N 187 
MES H21    H N N 188 
MES H22    H N N 189 
MES H31    H N N 190 
MES H32    H N N 191 
MES HN4    H N N 192 
MES H51    H N N 193 
MES H52    H N N 194 
MES H61    H N N 195 
MES H62    H N N 196 
MES H71    H N N 197 
MES H72    H N N 198 
MES H81    H N N 199 
MES H82    H N N 200 
MET N      N N N 201 
MET CA     C N S 202 
MET C      C N N 203 
MET O      O N N 204 
MET CB     C N N 205 
MET CG     C N N 206 
MET SD     S N N 207 
MET CE     C N N 208 
MET OXT    O N N 209 
MET H      H N N 210 
MET H2     H N N 211 
MET HA     H N N 212 
MET HB2    H N N 213 
MET HB3    H N N 214 
MET HG2    H N N 215 
MET HG3    H N N 216 
MET HE1    H N N 217 
MET HE2    H N N 218 
MET HE3    H N N 219 
MET HXT    H N N 220 
PRO N      N N N 221 
PRO CA     C N S 222 
PRO C      C N N 223 
PRO O      O N N 224 
PRO CB     C N N 225 
PRO CG     C N N 226 
PRO CD     C N N 227 
PRO OXT    O N N 228 
PRO H      H N N 229 
PRO HA     H N N 230 
PRO HB2    H N N 231 
PRO HB3    H N N 232 
PRO HG2    H N N 233 
PRO HG3    H N N 234 
PRO HD2    H N N 235 
PRO HD3    H N N 236 
PRO HXT    H N N 237 
SER N      N N N 238 
SER CA     C N S 239 
SER C      C N N 240 
SER O      O N N 241 
SER CB     C N N 242 
SER OG     O N N 243 
SER OXT    O N N 244 
SER H      H N N 245 
SER H2     H N N 246 
SER HA     H N N 247 
SER HB2    H N N 248 
SER HB3    H N N 249 
SER HG     H N N 250 
SER HXT    H N N 251 
THR N      N N N 252 
THR CA     C N S 253 
THR C      C N N 254 
THR O      O N N 255 
THR CB     C N R 256 
THR OG1    O N N 257 
THR CG2    C N N 258 
THR OXT    O N N 259 
THR H      H N N 260 
THR H2     H N N 261 
THR HA     H N N 262 
THR HB     H N N 263 
THR HG1    H N N 264 
THR HG21   H N N 265 
THR HG22   H N N 266 
THR HG23   H N N 267 
THR HXT    H N N 268 
TRP N      N N N 269 
TRP CA     C N S 270 
TRP C      C N N 271 
TRP O      O N N 272 
TRP CB     C N N 273 
TRP CG     C Y N 274 
TRP CD1    C Y N 275 
TRP CD2    C Y N 276 
TRP NE1    N Y N 277 
TRP CE2    C Y N 278 
TRP CE3    C Y N 279 
TRP CZ2    C Y N 280 
TRP CZ3    C Y N 281 
TRP CH2    C Y N 282 
TRP OXT    O N N 283 
TRP H      H N N 284 
TRP H2     H N N 285 
TRP HA     H N N 286 
TRP HB2    H N N 287 
TRP HB3    H N N 288 
TRP HD1    H N N 289 
TRP HE1    H N N 290 
TRP HE3    H N N 291 
TRP HZ2    H N N 292 
TRP HZ3    H N N 293 
TRP HH2    H N N 294 
TRP HXT    H N N 295 
TYR N      N N N 296 
TYR CA     C N S 297 
TYR C      C N N 298 
TYR O      O N N 299 
TYR CB     C N N 300 
TYR CG     C Y N 301 
TYR CD1    C Y N 302 
TYR CD2    C Y N 303 
TYR CE1    C Y N 304 
TYR CE2    C Y N 305 
TYR CZ     C Y N 306 
TYR OH     O N N 307 
TYR OXT    O N N 308 
TYR H      H N N 309 
TYR H2     H N N 310 
TYR HA     H N N 311 
TYR HB2    H N N 312 
TYR HB3    H N N 313 
TYR HD1    H N N 314 
TYR HD2    H N N 315 
TYR HE1    H N N 316 
TYR HE2    H N N 317 
TYR HH     H N N 318 
TYR HXT    H N N 319 
VAL N      N N N 320 
VAL CA     C N S 321 
VAL C      C N N 322 
VAL O      O N N 323 
VAL CB     C N N 324 
VAL CG1    C N N 325 
VAL CG2    C N N 326 
VAL OXT    O N N 327 
VAL H      H N N 328 
VAL H2     H N N 329 
VAL HA     H N N 330 
VAL HB     H N N 331 
VAL HG11   H N N 332 
VAL HG12   H N N 333 
VAL HG13   H N N 334 
VAL HG21   H N N 335 
VAL HG22   H N N 336 
VAL HG23   H N N 337 
VAL HXT    H N N 338 
# 
loop_
_chem_comp_bond.comp_id 
_chem_comp_bond.atom_id_1 
_chem_comp_bond.atom_id_2 
_chem_comp_bond.value_order 
_chem_comp_bond.pdbx_aromatic_flag 
_chem_comp_bond.pdbx_stereo_config 
_chem_comp_bond.pdbx_ordinal 
ALA N     CA     sing N N 1   
ALA N     H      sing N N 2   
ALA N     H2     sing N N 3   
ALA CA    C      sing N N 4   
ALA CA    CB     sing N N 5   
ALA CA    HA     sing N N 6   
ALA C     O      doub N N 7   
ALA C     OXT    sing N N 8   
ALA CB    HB1    sing N N 9   
ALA CB    HB2    sing N N 10  
ALA CB    HB3    sing N N 11  
ALA OXT   HXT    sing N N 12  
ARG N     CA     sing N N 13  
ARG N     H      sing N N 14  
ARG N     H2     sing N N 15  
ARG CA    C      sing N N 16  
ARG CA    CB     sing N N 17  
ARG CA    HA     sing N N 18  
ARG C     O      doub N N 19  
ARG C     OXT    sing N N 20  
ARG CB    CG     sing N N 21  
ARG CB    HB2    sing N N 22  
ARG CB    HB3    sing N N 23  
ARG CG    CD     sing N N 24  
ARG CG    HG2    sing N N 25  
ARG CG    HG3    sing N N 26  
ARG CD    NE     sing N N 27  
ARG CD    HD2    sing N N 28  
ARG CD    HD3    sing N N 29  
ARG NE    CZ     sing N N 30  
ARG NE    HE     sing N N 31  
ARG CZ    NH1    sing N N 32  
ARG CZ    NH2    doub N N 33  
ARG NH1   HH11   sing N N 34  
ARG NH1   HH12   sing N N 35  
ARG NH2   HH21   sing N N 36  
ARG NH2   HH22   sing N N 37  
ARG OXT   HXT    sing N N 38  
ASN N     CA     sing N N 39  
ASN N     H      sing N N 40  
ASN N     H2     sing N N 41  
ASN CA    C      sing N N 42  
ASN CA    CB     sing N N 43  
ASN CA    HA     sing N N 44  
ASN C     O      doub N N 45  
ASN C     OXT    sing N N 46  
ASN CB    CG     sing N N 47  
ASN CB    HB2    sing N N 48  
ASN CB    HB3    sing N N 49  
ASN CG    OD1    doub N N 50  
ASN CG    ND2    sing N N 51  
ASN ND2   HD21   sing N N 52  
ASN ND2   HD22   sing N N 53  
ASN OXT   HXT    sing N N 54  
ASP N     CA     sing N N 55  
ASP N     H      sing N N 56  
ASP N     H2     sing N N 57  
ASP CA    C      sing N N 58  
ASP CA    CB     sing N N 59  
ASP CA    HA     sing N N 60  
ASP C     O      doub N N 61  
ASP C     OXT    sing N N 62  
ASP CB    CG     sing N N 63  
ASP CB    HB2    sing N N 64  
ASP CB    HB3    sing N N 65  
ASP CG    OD1    doub N N 66  
ASP CG    OD2    sing N N 67  
ASP OD2   HD2    sing N N 68  
ASP OXT   HXT    sing N N 69  
CYS N     CA     sing N N 70  
CYS N     H      sing N N 71  
CYS N     H2     sing N N 72  
CYS CA    C      sing N N 73  
CYS CA    CB     sing N N 74  
CYS CA    HA     sing N N 75  
CYS C     O      doub N N 76  
CYS C     OXT    sing N N 77  
CYS CB    SG     sing N N 78  
CYS CB    HB2    sing N N 79  
CYS CB    HB3    sing N N 80  
CYS SG    HG     sing N N 81  
CYS OXT   HXT    sing N N 82  
DIO C1    "C1'"  sing N N 83  
DIO C1    O1     sing N N 84  
DIO C1    H11    sing N N 85  
DIO C1    H12    sing N N 86  
DIO C2    "C2'"  sing N N 87  
DIO C2    O1     sing N N 88  
DIO C2    H21    sing N N 89  
DIO C2    H22    sing N N 90  
DIO "C1'" "O1'"  sing N N 91  
DIO "C1'" "H1'1" sing N N 92  
DIO "C1'" "H1'2" sing N N 93  
DIO "C2'" "O1'"  sing N N 94  
DIO "C2'" "H2'1" sing N N 95  
DIO "C2'" "H2'2" sing N N 96  
GLN N     CA     sing N N 97  
GLN N     H      sing N N 98  
GLN N     H2     sing N N 99  
GLN CA    C      sing N N 100 
GLN CA    CB     sing N N 101 
GLN CA    HA     sing N N 102 
GLN C     O      doub N N 103 
GLN C     OXT    sing N N 104 
GLN CB    CG     sing N N 105 
GLN CB    HB2    sing N N 106 
GLN CB    HB3    sing N N 107 
GLN CG    CD     sing N N 108 
GLN CG    HG2    sing N N 109 
GLN CG    HG3    sing N N 110 
GLN CD    OE1    doub N N 111 
GLN CD    NE2    sing N N 112 
GLN NE2   HE21   sing N N 113 
GLN NE2   HE22   sing N N 114 
GLN OXT   HXT    sing N N 115 
GLU N     CA     sing N N 116 
GLU N     H      sing N N 117 
GLU N     H2     sing N N 118 
GLU CA    C      sing N N 119 
GLU CA    CB     sing N N 120 
GLU CA    HA     sing N N 121 
GLU C     O      doub N N 122 
GLU C     OXT    sing N N 123 
GLU CB    CG     sing N N 124 
GLU CB    HB2    sing N N 125 
GLU CB    HB3    sing N N 126 
GLU CG    CD     sing N N 127 
GLU CG    HG2    sing N N 128 
GLU CG    HG3    sing N N 129 
GLU CD    OE1    doub N N 130 
GLU CD    OE2    sing N N 131 
GLU OE2   HE2    sing N N 132 
GLU OXT   HXT    sing N N 133 
GLY N     CA     sing N N 134 
GLY N     H      sing N N 135 
GLY N     H2     sing N N 136 
GLY CA    C      sing N N 137 
GLY CA    HA2    sing N N 138 
GLY CA    HA3    sing N N 139 
GLY C     O      doub N N 140 
GLY C     OXT    sing N N 141 
GLY OXT   HXT    sing N N 142 
HOH O     H1     sing N N 143 
HOH O     H2     sing N N 144 
LEU N     CA     sing N N 145 
LEU N     H      sing N N 146 
LEU N     H2     sing N N 147 
LEU CA    C      sing N N 148 
LEU CA    CB     sing N N 149 
LEU CA    HA     sing N N 150 
LEU C     O      doub N N 151 
LEU C     OXT    sing N N 152 
LEU CB    CG     sing N N 153 
LEU CB    HB2    sing N N 154 
LEU CB    HB3    sing N N 155 
LEU CG    CD1    sing N N 156 
LEU CG    CD2    sing N N 157 
LEU CG    HG     sing N N 158 
LEU CD1   HD11   sing N N 159 
LEU CD1   HD12   sing N N 160 
LEU CD1   HD13   sing N N 161 
LEU CD2   HD21   sing N N 162 
LEU CD2   HD22   sing N N 163 
LEU CD2   HD23   sing N N 164 
LEU OXT   HXT    sing N N 165 
MES O1    C2     sing N N 166 
MES O1    C6     sing N N 167 
MES C2    C3     sing N N 168 
MES C2    H21    sing N N 169 
MES C2    H22    sing N N 170 
MES C3    N4     sing N N 171 
MES C3    H31    sing N N 172 
MES C3    H32    sing N N 173 
MES N4    C5     sing N N 174 
MES N4    C7     sing N N 175 
MES N4    HN4    sing N N 176 
MES C5    C6     sing N N 177 
MES C5    H51    sing N N 178 
MES C5    H52    sing N N 179 
MES C6    H61    sing N N 180 
MES C6    H62    sing N N 181 
MES C7    C8     sing N N 182 
MES C7    H71    sing N N 183 
MES C7    H72    sing N N 184 
MES C8    S      sing N N 185 
MES C8    H81    sing N N 186 
MES C8    H82    sing N N 187 
MES S     O1S    doub N N 188 
MES S     O2S    doub N N 189 
MES S     O3S    sing N N 190 
MET N     CA     sing N N 191 
MET N     H      sing N N 192 
MET N     H2     sing N N 193 
MET CA    C      sing N N 194 
MET CA    CB     sing N N 195 
MET CA    HA     sing N N 196 
MET C     O      doub N N 197 
MET C     OXT    sing N N 198 
MET CB    CG     sing N N 199 
MET CB    HB2    sing N N 200 
MET CB    HB3    sing N N 201 
MET CG    SD     sing N N 202 
MET CG    HG2    sing N N 203 
MET CG    HG3    sing N N 204 
MET SD    CE     sing N N 205 
MET CE    HE1    sing N N 206 
MET CE    HE2    sing N N 207 
MET CE    HE3    sing N N 208 
MET OXT   HXT    sing N N 209 
PRO N     CA     sing N N 210 
PRO N     CD     sing N N 211 
PRO N     H      sing N N 212 
PRO CA    C      sing N N 213 
PRO CA    CB     sing N N 214 
PRO CA    HA     sing N N 215 
PRO C     O      doub N N 216 
PRO C     OXT    sing N N 217 
PRO CB    CG     sing N N 218 
PRO CB    HB2    sing N N 219 
PRO CB    HB3    sing N N 220 
PRO CG    CD     sing N N 221 
PRO CG    HG2    sing N N 222 
PRO CG    HG3    sing N N 223 
PRO CD    HD2    sing N N 224 
PRO CD    HD3    sing N N 225 
PRO OXT   HXT    sing N N 226 
SER N     CA     sing N N 227 
SER N     H      sing N N 228 
SER N     H2     sing N N 229 
SER CA    C      sing N N 230 
SER CA    CB     sing N N 231 
SER CA    HA     sing N N 232 
SER C     O      doub N N 233 
SER C     OXT    sing N N 234 
SER CB    OG     sing N N 235 
SER CB    HB2    sing N N 236 
SER CB    HB3    sing N N 237 
SER OG    HG     sing N N 238 
SER OXT   HXT    sing N N 239 
THR N     CA     sing N N 240 
THR N     H      sing N N 241 
THR N     H2     sing N N 242 
THR CA    C      sing N N 243 
THR CA    CB     sing N N 244 
THR CA    HA     sing N N 245 
THR C     O      doub N N 246 
THR C     OXT    sing N N 247 
THR CB    OG1    sing N N 248 
THR CB    CG2    sing N N 249 
THR CB    HB     sing N N 250 
THR OG1   HG1    sing N N 251 
THR CG2   HG21   sing N N 252 
THR CG2   HG22   sing N N 253 
THR CG2   HG23   sing N N 254 
THR OXT   HXT    sing N N 255 
TRP N     CA     sing N N 256 
TRP N     H      sing N N 257 
TRP N     H2     sing N N 258 
TRP CA    C      sing N N 259 
TRP CA    CB     sing N N 260 
TRP CA    HA     sing N N 261 
TRP C     O      doub N N 262 
TRP C     OXT    sing N N 263 
TRP CB    CG     sing N N 264 
TRP CB    HB2    sing N N 265 
TRP CB    HB3    sing N N 266 
TRP CG    CD1    doub Y N 267 
TRP CG    CD2    sing Y N 268 
TRP CD1   NE1    sing Y N 269 
TRP CD1   HD1    sing N N 270 
TRP CD2   CE2    doub Y N 271 
TRP CD2   CE3    sing Y N 272 
TRP NE1   CE2    sing Y N 273 
TRP NE1   HE1    sing N N 274 
TRP CE2   CZ2    sing Y N 275 
TRP CE3   CZ3    doub Y N 276 
TRP CE3   HE3    sing N N 277 
TRP CZ2   CH2    doub Y N 278 
TRP CZ2   HZ2    sing N N 279 
TRP CZ3   CH2    sing Y N 280 
TRP CZ3   HZ3    sing N N 281 
TRP CH2   HH2    sing N N 282 
TRP OXT   HXT    sing N N 283 
TYR N     CA     sing N N 284 
TYR N     H      sing N N 285 
TYR N     H2     sing N N 286 
TYR CA    C      sing N N 287 
TYR CA    CB     sing N N 288 
TYR CA    HA     sing N N 289 
TYR C     O      doub N N 290 
TYR C     OXT    sing N N 291 
TYR CB    CG     sing N N 292 
TYR CB    HB2    sing N N 293 
TYR CB    HB3    sing N N 294 
TYR CG    CD1    doub Y N 295 
TYR CG    CD2    sing Y N 296 
TYR CD1   CE1    sing Y N 297 
TYR CD1   HD1    sing N N 298 
TYR CD2   CE2    doub Y N 299 
TYR CD2   HD2    sing N N 300 
TYR CE1   CZ     doub Y N 301 
TYR CE1   HE1    sing N N 302 
TYR CE2   CZ     sing Y N 303 
TYR CE2   HE2    sing N N 304 
TYR CZ    OH     sing N N 305 
TYR OH    HH     sing N N 306 
TYR OXT   HXT    sing N N 307 
VAL N     CA     sing N N 308 
VAL N     H      sing N N 309 
VAL N     H2     sing N N 310 
VAL CA    C      sing N N 311 
VAL CA    CB     sing N N 312 
VAL CA    HA     sing N N 313 
VAL C     O      doub N N 314 
VAL C     OXT    sing N N 315 
VAL CB    CG1    sing N N 316 
VAL CB    CG2    sing N N 317 
VAL CB    HB     sing N N 318 
VAL CG1   HG11   sing N N 319 
VAL CG1   HG12   sing N N 320 
VAL CG1   HG13   sing N N 321 
VAL CG2   HG21   sing N N 322 
VAL CG2   HG22   sing N N 323 
VAL CG2   HG23   sing N N 324 
VAL OXT   HXT    sing N N 325 
# 
_pdbx_initial_refinement_model.id               1 
_pdbx_initial_refinement_model.entity_id_list   ? 
_pdbx_initial_refinement_model.type             'experimental model' 
_pdbx_initial_refinement_model.source_name      PDB 
_pdbx_initial_refinement_model.accession_code   1Q9B 
_pdbx_initial_refinement_model.details          'PDB ENTRY 1Q9B' 
# 
_atom_sites.entry_id                    4MPI 
_atom_sites.fract_transf_matrix[1][1]   -0.00154465 
_atom_sites.fract_transf_matrix[1][2]   0.01902873 
_atom_sites.fract_transf_matrix[1][3]   0.02311603 
_atom_sites.fract_transf_matrix[2][1]   -0.02353691 
_atom_sites.fract_transf_matrix[2][2]   -0.00083006 
_atom_sites.fract_transf_matrix[2][3]   0.01855223 
_atom_sites.fract_transf_matrix[3][1]   0.00473714 
_atom_sites.fract_transf_matrix[3][2]   -0.00655977 
_atom_sites.fract_transf_matrix[3][3]   0.00571643 
_atom_sites.fract_transf_vector[1]      0.900803 
_atom_sites.fract_transf_vector[2]      1.886812 
_atom_sites.fract_transf_vector[3]      0.053380 
# 
loop_
_atom_type.symbol 
C 
N 
O 
S 
# 
loop_
_atom_site.group_PDB 
_atom_site.id 
_atom_site.type_symbol 
_atom_site.label_atom_id 
_atom_site.label_alt_id 
_atom_site.label_comp_id 
_atom_site.label_asym_id 
_atom_site.label_entity_id 
_atom_site.label_seq_id 
_atom_site.pdbx_PDB_ins_code 
_atom_site.Cartn_x 
_atom_site.Cartn_y 
_atom_site.Cartn_z 
_atom_site.occupancy 
_atom_site.B_iso_or_equiv 
_atom_site.pdbx_formal_charge 
_atom_site.auth_seq_id 
_atom_site.auth_comp_id 
_atom_site.auth_asym_id 
_atom_site.auth_atom_id 
_atom_site.pdbx_PDB_model_num 
ATOM   1   N N     . MET A 1 2  ? -4.197  11.149  6.054   1.00 32.73 ? 0   MET A N     1 
ATOM   2   C CA    . MET A 1 2  ? -2.978  10.659  5.418   1.00 21.04 ? 0   MET A CA    1 
ATOM   3   C C     . MET A 1 2  ? -2.248  11.765  4.669   1.00 17.97 ? 0   MET A C     1 
ATOM   4   O O     . MET A 1 2  ? -2.845  12.495  3.880   1.00 19.46 ? 0   MET A O     1 
ATOM   5   C CB    . MET A 1 2  ? -3.294  9.520   4.457   1.00 25.88 ? 0   MET A CB    1 
ATOM   6   C CG    . MET A 1 2  ? -2.111  8.631   4.172   1.00 25.30 ? 0   MET A CG    1 
ATOM   7   S SD    . MET A 1 2  ? -2.597  7.278   3.093   1.00 33.49 ? 0   MET A SD    1 
ATOM   8   C CE    . MET A 1 2  ? -3.698  6.373   4.170   1.00 29.28 ? 0   MET A CE    1 
ATOM   9   N N     . GLU A 1 3  ? -0.944  11.856  4.900   1.00 17.76 ? 1   GLU A N     1 
ATOM   10  C CA    . GLU A 1 3  ? -0.129  12.874  4.263   1.00 14.98 ? 1   GLU A CA    1 
ATOM   11  C C     . GLU A 1 3  ? 0.393   12.410  2.916   1.00 16.23 ? 1   GLU A C     1 
ATOM   12  O O     . GLU A 1 3  ? 0.581   11.208  2.690   1.00 13.02 ? 1   GLU A O     1 
ATOM   13  C CB    . GLU A 1 3  ? 1.042   13.251  5.167   1.00 16.38 ? 1   GLU A CB    1 
ATOM   14  C CG    . GLU A 1 3  ? 0.630   13.861  6.507   1.00 25.39 ? 1   GLU A CG    1 
ATOM   15  C CD    . GLU A 1 3  ? 0.001   15.236  6.357   1.00 36.96 ? 1   GLU A CD    1 
ATOM   16  O OE1   . GLU A 1 3  ? 0.613   16.106  5.702   1.00 33.54 ? 1   GLU A OE1   1 
ATOM   17  O OE2   . GLU A 1 3  ? -1.113  15.446  6.888   1.00 45.78 ? 1   GLU A OE2   1 
ATOM   18  N N     . GLN A 1 4  ? 0.638   13.374  2.028   1.00 15.09 ? 2   GLN A N     1 
ATOM   19  C CA    . GLN A 1 4  ? 1.253   13.087  0.736   1.00 12.68 ? 2   GLN A CA    1 
ATOM   20  C C     . GLN A 1 4  ? 2.744   13.410  0.730   1.00 13.73 ? 2   GLN A C     1 
ATOM   21  O O     . GLN A 1 4  ? 3.237   14.162  1.579   1.00 16.04 ? 2   GLN A O     1 
ATOM   22  C CB    . GLN A 1 4  ? 0.557   13.857  -0.376  1.00 13.03 ? 2   GLN A CB    1 
ATOM   23  C CG    . GLN A 1 4  ? -0.861  13.369  -0.614  1.00 16.73 ? 2   GLN A CG    1 
ATOM   24  C CD    . GLN A 1 4  ? -1.541  14.067  -1.764  1.00 20.85 ? 2   GLN A CD    1 
ATOM   25  O OE1   . GLN A 1 4  ? -1.209  13.832  -2.920  1.00 22.30 ? 2   GLN A OE1   1 
ATOM   26  N NE2   . GLN A 1 4  ? -2.501  14.933  -1.453  1.00 27.45 ? 2   GLN A NE2   1 
ATOM   27  N N     . CYS A 1 5  ? 3.453   12.868  -0.253  1.00 11.12 ? 3   CYS A N     1 
ATOM   28  C CA    . CYS A 1 5  ? 4.907   12.909  -0.232  1.00 11.24 ? 3   CYS A CA    1 
ATOM   29  C C     . CYS A 1 5  ? 5.537   12.646  -1.591  1.00 12.87 ? 3   CYS A C     1 
ATOM   30  O O     . CYS A 1 5  ? 4.864   12.237  -2.531  1.00 12.92 ? 3   CYS A O     1 
ATOM   31  C CB    . CYS A 1 5  ? 5.428   11.865  0.752   1.00 12.00 ? 3   CYS A CB    1 
ATOM   32  S SG    . CYS A 1 5  ? 4.823   10.196  0.322   1.00 12.38 ? 3   CYS A SG    1 
ATOM   33  N N     . GLY A 1 6  ? 6.847   12.839  -1.679  1.00 12.64 ? 4   GLY A N     1 
ATOM   34  C CA    . GLY A 1 6  ? 7.578   12.407  -2.860  1.00 13.42 ? 4   GLY A CA    1 
ATOM   35  C C     . GLY A 1 6  ? 7.241   13.228  -4.084  1.00 12.67 ? 4   GLY A C     1 
ATOM   36  O O     . GLY A 1 6  ? 6.925   14.417  -3.963  1.00 14.44 ? 4   GLY A O     1 
ATOM   37  N N     . ARG A 1 7  ? 7.316   12.596  -5.260  1.00 11.84 ? 5   ARG A N     1 
ATOM   38  C CA    . ARG A 1 7  ? 7.027   13.257  -6.544  1.00 13.97 ? 5   ARG A CA    1 
ATOM   39  C C     . ARG A 1 7  ? 5.717   14.029  -6.499  1.00 16.76 ? 5   ARG A C     1 
ATOM   40  O O     . ARG A 1 7  ? 5.597   15.134  -7.040  1.00 16.99 ? 5   ARG A O     1 
ATOM   41  C CB    . ARG A 1 7  ? 6.934   12.232  -7.680  1.00 17.17 ? 5   ARG A CB    1 
ATOM   42  C CG    . ARG A 1 7  ? 8.191   11.516  -8.034  1.00 21.03 ? 5   ARG A CG    1 
ATOM   43  C CD    . ARG A 1 7  ? 7.952   10.618  -9.244  1.00 23.78 ? 5   ARG A CD    1 
ATOM   44  N NE    . ARG A 1 7  ? 7.240   9.393   -8.895  1.00 19.45 ? 5   ARG A NE    1 
ATOM   45  C CZ    . ARG A 1 7  ? 7.801   8.349   -8.287  1.00 16.80 ? 5   ARG A CZ    1 
ATOM   46  N NH1   . ARG A 1 7  ? 7.077   7.278   -8.009  1.00 17.78 ? 5   ARG A NH1   1 
ATOM   47  N NH2   . ARG A 1 7  ? 9.087   8.373   -7.972  1.00 21.43 ? 5   ARG A NH2   1 
ATOM   48  N N     . GLN A 1 8  ? 4.734   13.417  -5.851  1.00 12.40 ? 6   GLN A N     1 
ATOM   49  C CA    . GLN A 1 8  ? 3.369   13.903  -5.852  1.00 13.54 ? 6   GLN A CA    1 
ATOM   50  C C     . GLN A 1 8  ? 3.175   15.084  -4.904  1.00 14.71 ? 6   GLN A C     1 
ATOM   51  O O     . GLN A 1 8  ? 2.104   15.701  -4.877  1.00 20.08 ? 6   GLN A O     1 
ATOM   52  C CB    . GLN A 1 8  ? 2.413   12.756  -5.483  1.00 12.54 ? 6   GLN A CB    1 
ATOM   53  C CG    . GLN A 1 8  ? 2.343   11.611  -6.512  1.00 12.49 ? 6   GLN A CG    1 
ATOM   54  C CD    . GLN A 1 8  ? 3.496   10.595  -6.413  1.00 14.87 ? 6   GLN A CD    1 
ATOM   55  O OE1   . GLN A 1 8  ? 4.337   10.659  -5.515  1.00 13.10 ? 6   GLN A OE1   1 
ATOM   56  N NE2   . GLN A 1 8  ? 3.525   9.652   -7.344  1.00 15.09 ? 6   GLN A NE2   1 
ATOM   57  N N     . ALA A 1 9  ? 4.208   15.416  -4.139  1.00 16.08 ? 7   ALA A N     1 
ATOM   58  C CA    . ALA A 1 9  ? 4.123   16.537  -3.203  1.00 15.57 ? 7   ALA A CA    1 
ATOM   59  C C     . ALA A 1 9  ? 5.423   17.333  -3.119  1.00 17.25 ? 7   ALA A C     1 
ATOM   60  O O     . ALA A 1 9  ? 5.917   17.614  -2.029  1.00 19.29 ? 7   ALA A O     1 
ATOM   61  C CB    . ALA A 1 9  ? 3.725   16.042  -1.829  1.00 16.76 ? 7   ALA A CB    1 
ATOM   62  N N     . GLY A 1 10 ? 5.975   17.689  -4.275  1.00 16.77 ? 8   GLY A N     1 
ATOM   63  C CA    . GLY A 1 10 ? 7.170   18.517  -4.325  1.00 18.51 ? 8   GLY A CA    1 
ATOM   64  C C     . GLY A 1 10 ? 8.373   17.992  -3.564  1.00 19.50 ? 8   GLY A C     1 
ATOM   65  O O     . GLY A 1 10 ? 9.187   18.775  -3.071  1.00 18.84 ? 8   GLY A O     1 
ATOM   66  N N     . GLY A 1 11 ? 8.479   16.671  -3.443  1.00 14.20 ? 9   GLY A N     1 
ATOM   67  C CA    . GLY A 1 11 ? 9.623   16.045  -2.810  1.00 16.02 ? 9   GLY A CA    1 
ATOM   68  C C     . GLY A 1 11 ? 9.557   15.921  -1.300  1.00 17.33 ? 9   GLY A C     1 
ATOM   69  O O     . GLY A 1 11 ? 10.531  15.504  -0.680  1.00 21.56 ? 9   GLY A O     1 
ATOM   70  N N     . ALA A 1 12 ? 8.410   16.249  -0.713  1.00 16.05 ? 10  ALA A N     1 
ATOM   71  C CA    . ALA A 1 12 ? 8.275   16.259  0.742   1.00 15.33 ? 10  ALA A CA    1 
ATOM   72  C C     . ALA A 1 12 ? 8.487   14.881  1.362   1.00 16.80 ? 10  ALA A C     1 
ATOM   73  O O     . ALA A 1 12 ? 8.089   13.860  0.791   1.00 15.50 ? 10  ALA A O     1 
ATOM   74  C CB    . ALA A 1 12 ? 6.913   16.802  1.128   1.00 15.31 ? 10  ALA A CB    1 
ATOM   75  N N     . LEU A 1 13 ? 9.132   14.855  2.527   1.00 19.68 ? 11  LEU A N     1 
ATOM   76  C CA    . LEU A 1 13 ? 9.236   13.633  3.318   1.00 14.98 ? 11  LEU A CA    1 
ATOM   77  C C     . LEU A 1 13 ? 7.975   13.443  4.141   1.00 14.15 ? 11  LEU A C     1 
ATOM   78  O O     . LEU A 1 13 ? 7.289   14.404  4.472   1.00 16.40 ? 11  LEU A O     1 
ATOM   79  C CB    . LEU A 1 13 ? 10.454  13.676  4.243   1.00 17.94 ? 11  LEU A CB    1 
ATOM   80  C CG    . LEU A 1 13 ? 11.818  13.861  3.584   1.00 23.65 ? 11  LEU A CG    1 
ATOM   81  C CD1   . LEU A 1 13 ? 12.901  14.019  4.636   1.00 23.94 ? 11  LEU A CD1   1 
ATOM   82  C CD2   . LEU A 1 13 ? 12.129  12.695  2.682   1.00 23.91 ? 11  LEU A CD2   1 
ATOM   83  N N     . CYS A 1 14 ? 7.673   12.200  4.488   1.00 13.44 ? 12  CYS A N     1 
ATOM   84  C CA    . CYS A 1 14 ? 6.557   11.929  5.383   1.00 14.78 ? 12  CYS A CA    1 
ATOM   85  C C     . CYS A 1 14 ? 6.928   12.294  6.805   1.00 14.91 ? 12  CYS A C     1 
ATOM   86  O O     . CYS A 1 14 ? 8.066   12.077  7.211   1.00 16.26 ? 12  CYS A O     1 
ATOM   87  C CB    . CYS A 1 14 ? 6.158   10.454  5.346   1.00 11.48 ? 12  CYS A CB    1 
ATOM   88  S SG    . CYS A 1 14 ? 5.554   9.878   3.767   1.00 13.21 ? 12  CYS A SG    1 
ATOM   89  N N     . PRO A 1 15 ? 5.960   12.809  7.571   1.00 14.87 ? 13  PRO A N     1 
ATOM   90  C CA    . PRO A 1 15 ? 6.187   13.005  9.004   1.00 16.15 ? 13  PRO A CA    1 
ATOM   91  C C     . PRO A 1 15 ? 6.253   11.664  9.726   1.00 17.43 ? 13  PRO A C     1 
ATOM   92  O O     . PRO A 1 15 ? 5.766   10.666  9.192   1.00 16.49 ? 13  PRO A O     1 
ATOM   93  C CB    . PRO A 1 15 ? 4.958   13.795  9.447   1.00 22.04 ? 13  PRO A CB    1 
ATOM   94  C CG    . PRO A 1 15 ? 3.885   13.344  8.509   0.79 23.19 ? 13  PRO A CG    1 
ATOM   95  C CD    . PRO A 1 15 ? 4.574   13.125  7.184   1.00 16.21 ? 13  PRO A CD    1 
ATOM   96  N N     . GLY A 1 16 ? 6.856   11.648  10.910  1.00 18.19 ? 14  GLY A N     1 
ATOM   97  C CA    . GLY A 1 16 ? 6.803   10.499  11.797  1.00 23.33 ? 14  GLY A CA    1 
ATOM   98  C C     . GLY A 1 16 ? 7.360   9.198   11.257  1.00 19.08 ? 14  GLY A C     1 
ATOM   99  O O     . GLY A 1 16 ? 6.835   8.134   11.571  1.00 22.17 ? 14  GLY A O     1 
ATOM   100 N N     . GLY A 1 17 ? 8.418   9.280   10.456  1.00 15.67 ? 15  GLY A N     1 
ATOM   101 C CA    . GLY A 1 17 ? 9.108   8.102   9.962   1.00 14.95 ? 15  GLY A CA    1 
ATOM   102 C C     . GLY A 1 17 ? 8.230   7.175   9.143   1.00 18.06 ? 15  GLY A C     1 
ATOM   103 O O     . GLY A 1 17 ? 8.383   5.953   9.191   1.00 16.73 ? 15  GLY A O     1 
ATOM   104 N N     . LEU A 1 18 ? 7.289   7.746   8.402   1.00 13.56 ? 16  LEU A N     1 
ATOM   105 C CA    . LEU A 1 18 ? 6.438   6.934   7.538   1.00 11.86 ? 16  LEU A CA    1 
ATOM   106 C C     . LEU A 1 18 ? 7.076   6.771   6.166   1.00 12.60 ? 16  LEU A C     1 
ATOM   107 O O     . LEU A 1 18 ? 7.780   7.666   5.696   1.00 13.34 ? 16  LEU A O     1 
ATOM   108 C CB    . LEU A 1 18 ? 5.048   7.549   7.398   1.00 12.49 ? 16  LEU A CB    1 
ATOM   109 C CG    . LEU A 1 18 ? 4.172   7.581   8.651   1.00 12.48 ? 16  LEU A CG    1 
ATOM   110 C CD1   . LEU A 1 18 ? 2.890   8.332   8.371   1.00 11.91 ? 16  LEU A CD1   1 
ATOM   111 C CD2   . LEU A 1 18 ? 3.867   6.171   9.118   1.00 12.53 ? 16  LEU A CD2   1 
ATOM   112 N N     . CYS A 1 19 ? 6.831   5.625   5.536   1.00 10.45 ? 17  CYS A N     1 
ATOM   113 C CA    . CYS A 1 19 ? 7.311   5.366   4.177   1.00 9.96  ? 17  CYS A CA    1 
ATOM   114 C C     . CYS A 1 19 ? 6.480   6.123   3.171   1.00 10.15 ? 17  CYS A C     1 
ATOM   115 O O     . CYS A 1 19 ? 5.262   6.214   3.317   1.00 10.82 ? 17  CYS A O     1 
ATOM   116 C CB    . CYS A 1 19 ? 7.237   3.890   3.833   1.00 10.29 ? 17  CYS A CB    1 
ATOM   117 S SG    . CYS A 1 19 ? 8.127   2.829   4.985   1.00 13.17 ? 17  CYS A SG    1 
ATOM   118 N N     . CYS A 1 20 ? 7.130   6.627   2.130   1.00 10.80 ? 18  CYS A N     1 
ATOM   119 C CA    . CYS A 1 20 ? 6.422   7.273   1.032   1.00 10.79 ? 18  CYS A CA    1 
ATOM   120 C C     . CYS A 1 20 ? 6.295   6.301   -0.139  1.00 10.28 ? 18  CYS A C     1 
ATOM   121 O O     . CYS A 1 20 ? 7.280   5.915   -0.747  1.00 11.36 ? 18  CYS A O     1 
ATOM   122 C CB    . CYS A 1 20 ? 7.143   8.551   0.611   1.00 8.36  ? 18  CYS A CB    1 
ATOM   123 S SG    . CYS A 1 20 ? 6.348   9.398   -0.757  1.00 12.45 ? 18  CYS A SG    1 
ATOM   124 N N     . SER A 1 21 ? 5.074   5.889   -0.439  1.00 8.86  ? 19  SER A N     1 
ATOM   125 C CA    . SER A 1 21 ? 4.847   4.945   -1.522  1.00 8.37  ? 19  SER A CA    1 
ATOM   126 C C     . SER A 1 21 ? 5.137   5.538   -2.897  1.00 11.42 ? 19  SER A C     1 
ATOM   127 O O     . SER A 1 21 ? 5.305   6.752   -3.046  1.00 10.98 ? 19  SER A O     1 
ATOM   128 C CB    . SER A 1 21 ? 3.405   4.462   -1.495  1.00 10.80 ? 19  SER A CB    1 
ATOM   129 O OG    . SER A 1 21 ? 2.553   5.454   -2.058  1.00 10.34 ? 19  SER A OG    1 
ATOM   130 N N     . GLN A 1 22 ? 5.154   4.677   -3.911  1.00 13.95 ? 20  GLN A N     1 
ATOM   131 C CA    . GLN A 1 22 ? 5.325   5.143   -5.284  1.00 14.59 ? 20  GLN A CA    1 
ATOM   132 C C     . GLN A 1 22 ? 4.204   6.070   -5.743  1.00 11.19 ? 20  GLN A C     1 
ATOM   133 O O     . GLN A 1 22 ? 4.371   6.774   -6.724  1.00 13.02 ? 20  GLN A O     1 
ATOM   134 C CB    . GLN A 1 22 ? 5.420   3.962   -6.250  1.00 13.05 ? 20  GLN A CB    1 
ATOM   135 C CG    . GLN A 1 22 ? 4.119   3.200   -6.411  1.00 14.43 ? 20  GLN A CG    1 
ATOM   136 C CD    . GLN A 1 22 ? 4.327   1.834   -7.029  1.00 22.48 ? 20  GLN A CD    1 
ATOM   137 O OE1   . GLN A 1 22 ? 4.721   0.885   -6.345  1.00 25.82 ? 20  GLN A OE1   1 
ATOM   138 N NE2   . GLN A 1 22 ? 4.067   1.724   -8.327  1.00 16.45 ? 20  GLN A NE2   1 
ATOM   139 N N     . TYR A 1 23 ? 3.078   6.069   -5.034  1.00 10.06 ? 21  TYR A N     1 
ATOM   140 C CA    . TYR A 1 23 ? 1.949   6.927   -5.389  1.00 10.11 ? 21  TYR A CA    1 
ATOM   141 C C     . TYR A 1 23 ? 1.935   8.228   -4.591  1.00 11.06 ? 21  TYR A C     1 
ATOM   142 O O     . TYR A 1 23 ? 1.093   9.108   -4.824  1.00 12.21 ? 21  TYR A O     1 
ATOM   143 C CB    . TYR A 1 23 ? 0.629   6.181   -5.185  1.00 11.70 ? 21  TYR A CB    1 
ATOM   144 C CG    . TYR A 1 23 ? 0.393   5.075   -6.188  1.00 10.82 ? 21  TYR A CG    1 
ATOM   145 C CD1   . TYR A 1 23 ? -0.066  5.367   -7.459  1.00 12.06 ? 21  TYR A CD1   1 
ATOM   146 C CD2   . TYR A 1 23 ? 0.637   3.745   -5.865  1.00 16.42 ? 21  TYR A CD2   1 
ATOM   147 C CE1   . TYR A 1 23 ? -0.284  4.372   -8.383  1.00 16.62 ? 21  TYR A CE1   1 
ATOM   148 C CE2   . TYR A 1 23 ? 0.419   2.732   -6.791  1.00 14.79 ? 21  TYR A CE2   1 
ATOM   149 C CZ    . TYR A 1 23 ? -0.041  3.064   -8.048  1.00 14.92 ? 21  TYR A CZ    1 
ATOM   150 O OH    . TYR A 1 23 ? -0.267  2.084   -8.988  1.00 21.63 ? 21  TYR A OH    1 
ATOM   151 N N     . GLY A 1 24 ? 2.866   8.358   -3.651  1.00 10.19 ? 22  GLY A N     1 
ATOM   152 C CA    . GLY A 1 24 ? 3.005   9.595   -2.906  1.00 11.98 ? 22  GLY A CA    1 
ATOM   153 C C     . GLY A 1 24 ? 2.114   9.707   -1.684  1.00 10.32 ? 22  GLY A C     1 
ATOM   154 O O     . GLY A 1 24 ? 1.681   10.803  -1.320  1.00 11.10 ? 22  GLY A O     1 
ATOM   155 N N     . TRP A 1 25 ? 1.845   8.569   -1.047  1.00 9.57  ? 23  TRP A N     1 
ATOM   156 C CA    . TRP A 1 25 ? 1.109   8.545   0.217   1.00 10.12 ? 23  TRP A CA    1 
ATOM   157 C C     . TRP A 1 25 ? 1.977   7.980   1.340   1.00 9.97  ? 23  TRP A C     1 
ATOM   158 O O     . TRP A 1 25 ? 2.864   7.171   1.096   1.00 11.52 ? 23  TRP A O     1 
ATOM   159 C CB    . TRP A 1 25 ? -0.172  7.720   0.074   1.00 9.23  ? 23  TRP A CB    1 
ATOM   160 C CG    . TRP A 1 25 ? -1.179  8.340   -0.867  1.00 10.65 ? 23  TRP A CG    1 
ATOM   161 C CD1   . TRP A 1 25 ? -1.416  7.989   -2.168  1.00 11.00 ? 23  TRP A CD1   1 
ATOM   162 C CD2   . TRP A 1 25 ? -2.056  9.444   -0.585  1.00 11.93 ? 23  TRP A CD2   1 
ATOM   163 N NE1   . TRP A 1 25 ? -2.392  8.797   -2.706  1.00 10.47 ? 23  TRP A NE1   1 
ATOM   164 C CE2   . TRP A 1 25 ? -2.801  9.695   -1.757  1.00 13.61 ? 23  TRP A CE2   1 
ATOM   165 C CE3   . TRP A 1 25 ? -2.291  10.233  0.549   1.00 14.99 ? 23  TRP A CE3   1 
ATOM   166 C CZ2   . TRP A 1 25 ? -3.764  10.706  -1.829  1.00 14.79 ? 23  TRP A CZ2   1 
ATOM   167 C CZ3   . TRP A 1 25 ? -3.246  11.231  0.475   1.00 13.52 ? 23  TRP A CZ3   1 
ATOM   168 C CH2   . TRP A 1 25 ? -3.974  11.457  -0.708  1.00 14.84 ? 23  TRP A CH2   1 
ATOM   169 N N     . CYS A 1 26 ? 1.699   8.407   2.570   1.00 8.55  ? 24  CYS A N     1 
ATOM   170 C CA    . CYS A 1 26 ? 2.537   8.047   3.719   1.00 10.67 ? 24  CYS A CA    1 
ATOM   171 C C     . CYS A 1 26 ? 1.906   6.975   4.602   1.00 9.95  ? 24  CYS A C     1 
ATOM   172 O O     . CYS A 1 26 ? 0.829   7.194   5.154   1.00 13.35 ? 24  CYS A O     1 
ATOM   173 C CB    . CYS A 1 26 ? 2.797   9.286   4.576   1.00 13.51 ? 24  CYS A CB    1 
ATOM   174 S SG    . CYS A 1 26 ? 3.660   10.611  3.734   1.00 13.54 ? 24  CYS A SG    1 
ATOM   175 N N     . ALA A 1 27 ? 2.578   5.839   4.756   1.00 9.72  ? 25  ALA A N     1 
ATOM   176 C CA    . ALA A 1 27 ? 2.114   4.803   5.678   1.00 11.36 ? 25  ALA A CA    1 
ATOM   177 C C     . ALA A 1 27 ? 3.234   3.811   5.943   1.00 12.75 ? 25  ALA A C     1 
ATOM   178 O O     . ALA A 1 27 ? 4.298   3.893   5.325   1.00 14.08 ? 25  ALA A O     1 
ATOM   179 C CB    . ALA A 1 27 ? 0.887   4.091   5.125   1.00 9.81  ? 25  ALA A CB    1 
ATOM   180 N N     . ASN A 1 28 ? 3.001   2.878   6.860   1.00 10.23 ? 26  ASN A N     1 
ATOM   181 C CA    A ASN A 1 28 ? 4.010   1.938   7.308   0.67 11.48 ? 26  ASN A CA    1 
ATOM   182 C CA    B ASN A 1 28 ? 4.062   1.925   7.189   0.33 11.52 ? 26  ASN A CA    1 
ATOM   183 C C     . ASN A 1 28 ? 3.615   0.477   7.088   1.00 10.86 ? 26  ASN A C     1 
ATOM   184 O O     . ASN A 1 28 ? 3.696   -0.307  8.024   1.00 15.15 ? 26  ASN A O     1 
ATOM   185 C CB    A ASN A 1 28 ? 4.320   2.185   8.804   0.67 13.33 ? 26  ASN A CB    1 
ATOM   186 C CB    B ASN A 1 28 ? 4.642   2.217   8.574   0.33 13.14 ? 26  ASN A CB    1 
ATOM   187 C CG    A ASN A 1 28 ? 3.052   2.286   9.683   0.67 12.05 ? 26  ASN A CG    1 
ATOM   188 C CG    B ASN A 1 28 ? 5.864   3.114   8.504   0.33 13.85 ? 26  ASN A CG    1 
ATOM   189 O OD1   A ASN A 1 28 ? 1.928   2.336   9.185   0.67 13.82 ? 26  ASN A OD1   1 
ATOM   190 O OD1   B ASN A 1 28 ? 6.139   3.718   7.467   0.33 15.01 ? 26  ASN A OD1   1 
ATOM   191 N ND2   A ASN A 1 28 ? 3.250   2.338   11.003  0.67 10.82 ? 26  ASN A ND2   1 
ATOM   192 N ND2   B ASN A 1 28 ? 6.602   3.204   9.598   0.33 12.01 ? 26  ASN A ND2   1 
ATOM   193 N N     . THR A 1 29 ? 3.179   0.125   5.882   1.00 12.77 ? 27  THR A N     1 
ATOM   194 C CA    . THR A 1 29 ? 2.865   -1.265  5.527   1.00 13.94 ? 27  THR A CA    1 
ATOM   195 C C     . THR A 1 29 ? 3.755   -1.639  4.338   1.00 13.34 ? 27  THR A C     1 
ATOM   196 O O     . THR A 1 29 ? 4.361   -0.756  3.735   1.00 14.49 ? 27  THR A O     1 
ATOM   197 C CB    . THR A 1 29 ? 1.370   -1.460  5.187   1.00 15.19 ? 27  THR A CB    1 
ATOM   198 O OG1   . THR A 1 29 ? 1.094   -0.922  3.886   1.00 17.02 ? 27  THR A OG1   1 
ATOM   199 C CG2   . THR A 1 29 ? 0.476   -0.799  6.243   1.00 16.91 ? 27  THR A CG2   1 
ATOM   200 N N     . PRO A 1 30 ? 3.868   -2.940  4.000   1.00 13.76 ? 28  PRO A N     1 
ATOM   201 C CA    . PRO A 1 30 ? 4.806   -3.299  2.924   1.00 13.53 ? 28  PRO A CA    1 
ATOM   202 C C     . PRO A 1 30 ? 4.453   -2.675  1.577   1.00 13.85 ? 28  PRO A C     1 
ATOM   203 O O     . PRO A 1 30 ? 5.331   -2.448  0.735   1.00 14.15 ? 28  PRO A O     1 
ATOM   204 C CB    . PRO A 1 30 ? 4.689   -4.826  2.856   1.00 15.97 ? 28  PRO A CB    1 
ATOM   205 C CG    . PRO A 1 30 ? 4.213   -5.217  4.201   1.00 14.38 ? 28  PRO A CG    1 
ATOM   206 C CD    . PRO A 1 30 ? 3.278   -4.139  4.622   1.00 13.58 ? 28  PRO A CD    1 
ATOM   207 N N     . GLU A 1 31 ? 3.166   -2.412  1.387   1.00 13.57 ? 29  GLU A N     1 
ATOM   208 C CA    . GLU A 1 31 ? 2.675   -1.780  0.173   1.00 12.48 ? 29  GLU A CA    1 
ATOM   209 C C     . GLU A 1 31 ? 3.249   -0.373  0.000   1.00 13.51 ? 29  GLU A C     1 
ATOM   210 O O     . GLU A 1 31 ? 3.285   0.149   -1.118  1.00 19.31 ? 29  GLU A O     1 
ATOM   211 C CB    . GLU A 1 31 ? 1.144   -1.720  0.187   1.00 13.85 ? 29  GLU A CB    1 
ATOM   212 C CG    . GLU A 1 31 ? 0.451   -3.079  0.137   1.00 14.30 ? 29  GLU A CG    1 
ATOM   213 C CD    . GLU A 1 31 ? 0.402   -3.805  1.485   1.00 12.65 ? 29  GLU A CD    1 
ATOM   214 O OE1   . GLU A 1 31 ? 0.767   -3.218  2.530   1.00 13.13 ? 29  GLU A OE1   1 
ATOM   215 O OE2   . GLU A 1 31 ? -0.043  -4.974  1.504   1.00 12.32 ? 29  GLU A OE2   1 
ATOM   216 N N     . TYR A 1 32 ? 3.694   0.237   1.096   1.00 11.89 ? 30  TYR A N     1 
ATOM   217 C CA    . TYR A 1 32 ? 4.251   1.588   1.042   1.00 11.67 ? 30  TYR A CA    1 
ATOM   218 C C     . TYR A 1 32 ? 5.771   1.597   1.143   1.00 15.02 ? 30  TYR A C     1 
ATOM   219 O O     . TYR A 1 32 ? 6.433   2.449   0.563   1.00 12.19 ? 30  TYR A O     1 
ATOM   220 C CB    . TYR A 1 32 ? 3.688   2.459   2.160   1.00 10.37 ? 30  TYR A CB    1 
ATOM   221 C CG    . TYR A 1 32 ? 2.205   2.751   2.076   1.00 10.47 ? 30  TYR A CG    1 
ATOM   222 C CD1   . TYR A 1 32 ? 1.271   1.769   2.373   1.00 12.10 ? 30  TYR A CD1   1 
ATOM   223 C CD2   . TYR A 1 32 ? 1.738   4.016   1.728   1.00 9.60  ? 30  TYR A CD2   1 
ATOM   224 C CE1   . TYR A 1 32 ? -0.078  2.026   2.310   1.00 12.04 ? 30  TYR A CE1   1 
ATOM   225 C CE2   . TYR A 1 32 ? 0.378   4.284   1.660   1.00 11.11 ? 30  TYR A CE2   1 
ATOM   226 C CZ    . TYR A 1 32 ? -0.522  3.277   1.951   1.00 14.47 ? 30  TYR A CZ    1 
ATOM   227 O OH    . TYR A 1 32 ? -1.872  3.531   1.892   1.00 15.38 ? 30  TYR A OH    1 
ATOM   228 N N     . CYS A 1 33 ? 6.317   0.649   1.894   1.00 14.26 ? 31  CYS A N     1 
ATOM   229 C CA    . CYS A 1 33 ? 7.754   0.628   2.166   1.00 17.05 ? 31  CYS A CA    1 
ATOM   230 C C     . CYS A 1 33 ? 8.548   -0.255  1.207   1.00 12.67 ? 31  CYS A C     1 
ATOM   231 O O     . CYS A 1 33 ? 9.778   -0.222  1.213   1.00 18.01 ? 31  CYS A O     1 
ATOM   232 C CB    . CYS A 1 33 ? 8.005   0.169   3.603   1.00 13.91 ? 31  CYS A CB    1 
ATOM   233 S SG    . CYS A 1 33 ? 7.100   1.074   4.869   1.00 15.59 ? 31  CYS A SG    1 
ATOM   234 N N     . GLY A 1 34 ? 7.844   -1.045  0.399   1.00 17.87 ? 32  GLY A N     1 
ATOM   235 C CA    . GLY A 1 34 ? 8.467   -1.963  -0.542  1.00 16.72 ? 32  GLY A CA    1 
ATOM   236 C C     . GLY A 1 34 ? 8.890   -1.335  -1.852  1.00 19.17 ? 32  GLY A C     1 
ATOM   237 O O     . GLY A 1 34 ? 9.298   -0.173  -1.896  1.00 17.63 ? 32  GLY A O     1 
ATOM   238 N N     . SER A 1 35 ? 8.806   -2.103  -2.935  1.00 24.53 ? 33  SER A N     1 
ATOM   239 C CA    . SER A 1 35 ? 9.266   -1.624  -4.232  1.00 24.79 ? 33  SER A CA    1 
ATOM   240 C C     . SER A 1 35 ? 8.533   -0.343  -4.599  1.00 17.81 ? 33  SER A C     1 
ATOM   241 O O     . SER A 1 35 ? 7.321   -0.230  -4.388  1.00 20.97 ? 33  SER A O     1 
ATOM   242 C CB    . SER A 1 35 ? 9.065   -2.684  -5.320  1.00 30.82 ? 33  SER A CB    1 
ATOM   243 O OG    . SER A 1 35 ? 7.686   -2.991  -5.493  1.00 31.02 ? 33  SER A OG    1 
ATOM   244 N N     . GLY A 1 36 ? 9.287   0.627   -5.101  1.00 24.08 ? 34  GLY A N     1 
ATOM   245 C CA    . GLY A 1 36 ? 8.724   1.903   -5.488  1.00 19.37 ? 34  GLY A CA    1 
ATOM   246 C C     . GLY A 1 36 ? 8.678   2.917   -4.361  1.00 16.54 ? 34  GLY A C     1 
ATOM   247 O O     . GLY A 1 36 ? 8.365   4.079   -4.600  1.00 16.94 ? 34  GLY A O     1 
ATOM   248 N N     . CYS A 1 37 ? 8.989   2.495   -3.136  1.00 16.45 ? 35  CYS A N     1 
ATOM   249 C CA    . CYS A 1 37 ? 9.031   3.440   -2.018  1.00 12.93 ? 35  CYS A CA    1 
ATOM   250 C C     . CYS A 1 37 ? 10.004  4.565   -2.323  1.00 14.05 ? 35  CYS A C     1 
ATOM   251 O O     . CYS A 1 37 ? 11.131  4.317   -2.758  1.00 15.92 ? 35  CYS A O     1 
ATOM   252 C CB    . CYS A 1 37 ? 9.427   2.739   -0.716  1.00 12.30 ? 35  CYS A CB    1 
ATOM   253 S SG    . CYS A 1 37 ? 9.692   3.857   0.672   1.00 11.88 ? 35  CYS A SG    1 
ATOM   254 N N     . GLN A 1 38 ? 9.561   5.804   -2.123  1.00 13.86 ? 36  GLN A N     1 
ATOM   255 C CA    . GLN A 1 38 ? 10.345  6.966   -2.524  1.00 11.85 ? 36  GLN A CA    1 
ATOM   256 C C     . GLN A 1 38 ? 11.256  7.504   -1.437  1.00 15.59 ? 36  GLN A C     1 
ATOM   257 O O     . GLN A 1 38 ? 12.251  8.166   -1.738  1.00 18.02 ? 36  GLN A O     1 
ATOM   258 C CB    . GLN A 1 38 ? 9.420   8.083   -2.984  1.00 14.02 ? 36  GLN A CB    1 
ATOM   259 C CG    . GLN A 1 38 ? 8.548   7.706   -4.156  1.00 14.46 ? 36  GLN A CG    1 
ATOM   260 C CD    . GLN A 1 38 ? 7.757   8.893   -4.667  1.00 10.87 ? 36  GLN A CD    1 
ATOM   261 O OE1   . GLN A 1 38 ? 8.343   9.907   -5.083  1.00 12.00 ? 36  GLN A OE1   1 
ATOM   262 N NE2   . GLN A 1 38 ? 6.427   8.795   -4.618  1.00 13.19 ? 36  GLN A NE2   1 
ATOM   263 N N     . SER A 1 39 ? 10.922  7.234   -0.180  1.00 14.85 ? 37  SER A N     1 
ATOM   264 C CA    A SER A 1 39 ? 11.684  7.791   0.934   0.76 13.65 ? 37  SER A CA    1 
ATOM   265 C CA    B SER A 1 39 ? 11.674  7.792   0.935   0.24 13.71 ? 37  SER A CA    1 
ATOM   266 C C     . SER A 1 39 ? 11.304  7.145   2.258   1.00 14.83 ? 37  SER A C     1 
ATOM   267 O O     . SER A 1 39 ? 10.205  6.615   2.408   1.00 13.17 ? 37  SER A O     1 
ATOM   268 C CB    A SER A 1 39 ? 11.486  9.310   1.020   0.76 14.92 ? 37  SER A CB    1 
ATOM   269 C CB    B SER A 1 39 ? 11.445  9.299   1.027   0.24 14.92 ? 37  SER A CB    1 
ATOM   270 O OG    A SER A 1 39 ? 10.131  9.662   1.266   0.76 13.43 ? 37  SER A OG    1 
ATOM   271 O OG    B SER A 1 39 ? 11.581  9.734   2.364   0.24 15.16 ? 37  SER A OG    1 
ATOM   272 N N     . GLN A 1 40 ? 12.230  7.208   3.209   1.00 15.25 ? 38  GLN A N     1 
ATOM   273 C CA    . GLN A 1 40 ? 12.031  6.690   4.565   1.00 14.76 ? 38  GLN A CA    1 
ATOM   274 C C     . GLN A 1 40 ? 11.534  5.253   4.570   1.00 13.44 ? 38  GLN A C     1 
ATOM   275 O O     . GLN A 1 40 ? 10.695  4.861   5.384   1.00 14.60 ? 38  GLN A O     1 
ATOM   276 C CB    . GLN A 1 40 ? 11.077  7.604   5.336   1.00 15.89 ? 38  GLN A CB    1 
ATOM   277 C CG    . GLN A 1 40 ? 11.728  8.945   5.666   1.00 16.58 ? 38  GLN A CG    1 
ATOM   278 C CD    . GLN A 1 40 ? 10.817  9.933   6.356   1.00 23.15 ? 38  GLN A CD    1 
ATOM   279 O OE1   . GLN A 1 40 ? 9.662   9.639   6.667   1.00 19.04 ? 38  GLN A OE1   1 
ATOM   280 N NE2   . GLN A 1 40 ? 11.351  11.123  6.625   1.00 22.48 ? 38  GLN A NE2   1 
ATOM   281 N N     . CYS A 1 41 ? 12.093  4.452   3.674   1.00 13.20 ? 39  CYS A N     1 
ATOM   282 C CA    . CYS A 1 41 ? 11.590  3.109   3.452   1.00 14.49 ? 39  CYS A CA    1 
ATOM   283 C C     . CYS A 1 41 ? 11.980  2.167   4.580   1.00 12.03 ? 39  CYS A C     1 
ATOM   284 O O     . CYS A 1 41 ? 11.493  1.038   4.641   1.00 13.82 ? 39  CYS A O     1 
ATOM   285 C CB    . CYS A 1 41 ? 12.089  2.586   2.108   1.00 11.88 ? 39  CYS A CB    1 
ATOM   286 S SG    . CYS A 1 41 ? 11.715  3.762   0.767   1.00 17.51 ? 39  CYS A SG    1 
ATOM   287 N N     . ASP A 1 42 ? 12.847  2.643   5.472   1.00 15.37 ? 40  ASP A N     1 
ATOM   288 C CA    . ASP A 1 42 ? 13.269  1.850   6.629   1.00 15.54 ? 40  ASP A CA    1 
ATOM   289 C C     . ASP A 1 42 ? 12.600  2.332   7.911   1.00 14.56 ? 40  ASP A C     1 
ATOM   290 O O     . ASP A 1 42 ? 12.992  1.939   9.009   1.00 18.05 ? 40  ASP A O     1 
ATOM   291 C CB    . ASP A 1 42 ? 14.794  1.896   6.800   1.00 17.60 ? 40  ASP A CB    1 
ATOM   292 C CG    . ASP A 1 42 ? 15.335  3.322   6.891   1.00 21.40 ? 40  ASP A CG    1 
ATOM   293 O OD1   . ASP A 1 42 ? 14.539  4.293   6.941   1.00 26.66 ? 40  ASP A OD1   1 
ATOM   294 O OD2   . ASP A 1 42 ? 16.575  3.475   6.924   1.00 31.03 ? 40  ASP A OD2   1 
ATOM   295 N N     . GLY A 1 43 ? 11.596  3.196   7.780   1.00 14.20 ? 41  GLY A N     1 
ATOM   296 C CA    . GLY A 1 43 ? 10.855  3.664   8.936   1.00 12.80 ? 41  GLY A CA    1 
ATOM   297 C C     . GLY A 1 43 ? 11.483  4.841   9.652   1.00 16.19 ? 41  GLY A C     1 
ATOM   298 O O     . GLY A 1 43 ? 11.037  5.232   10.732  1.00 14.68 ? 41  GLY A O     1 
ATOM   299 N N     . GLY A 1 44 ? 12.520  5.419   9.059   1.00 14.82 ? 42  GLY A N     1 
ATOM   300 C CA    . GLY A 1 44 ? 13.199  6.536   9.690   1.00 21.00 ? 42  GLY A CA    1 
ATOM   301 C C     . GLY A 1 44 ? 14.158  6.108   10.787  1.00 25.16 ? 42  GLY A C     1 
ATOM   302 O O     . GLY A 1 44 ? 14.366  6.836   11.758  1.00 33.25 ? 42  GLY A O     1 
ATOM   303 N N     . VAL A 1 45 ? 14.745  4.924   10.623  1.00 26.16 ? 43  VAL A N     1 
ATOM   304 C CA    . VAL A 1 45 ? 15.685  4.372   11.596  1.00 26.18 ? 43  VAL A CA    1 
ATOM   305 C C     . VAL A 1 45 ? 17.062  5.013   11.439  1.00 37.72 ? 43  VAL A C     1 
ATOM   306 O O     . VAL A 1 45 ? 17.198  6.080   10.833  1.00 37.91 ? 43  VAL A O     1 
ATOM   307 C CB    . VAL A 1 45 ? 15.811  2.838   11.455  1.00 22.30 ? 43  VAL A CB    1 
ATOM   308 C CG1   . VAL A 1 45 ? 16.481  2.478   10.140  1.00 26.66 ? 43  VAL A CG1   1 
ATOM   309 C CG2   . VAL A 1 45 ? 16.591  2.246   12.629  1.00 25.34 ? 43  VAL A CG2   1 
ATOM   310 N N     . ALA B 1 1  ? -8.635  -4.382  12.433  1.00 40.85 ? -1  ALA B N     1 
ATOM   311 C CA    . ALA B 1 1  ? -8.006  -5.623  11.995  1.00 33.71 ? -1  ALA B CA    1 
ATOM   312 C C     . ALA B 1 1  ? -8.119  -5.796  10.480  1.00 39.94 ? -1  ALA B C     1 
ATOM   313 O O     . ALA B 1 1  ? -9.189  -6.081  9.942   1.00 40.64 ? -1  ALA B O     1 
ATOM   314 C CB    . ALA B 1 1  ? -8.619  -6.818  12.717  1.00 28.58 ? -1  ALA B CB    1 
ATOM   315 N N     . MET B 1 2  ? -6.991  -5.615  9.805   1.00 35.39 ? 0   MET B N     1 
ATOM   316 C CA    . MET B 1 2  ? -6.896  -5.779  8.363   1.00 28.72 ? 0   MET B CA    1 
ATOM   317 C C     . MET B 1 2  ? -6.964  -7.265  7.981   1.00 21.85 ? 0   MET B C     1 
ATOM   318 O O     . MET B 1 2  ? -6.333  -8.102  8.626   1.00 26.23 ? 0   MET B O     1 
ATOM   319 C CB    . MET B 1 2  ? -5.588  -5.148  7.879   1.00 28.41 ? 0   MET B CB    1 
ATOM   320 C CG    . MET B 1 2  ? -5.435  -5.025  6.389   1.00 30.65 ? 0   MET B CG    1 
ATOM   321 S SD    . MET B 1 2  ? -4.010  -3.974  6.052   1.00 33.28 ? 0   MET B SD    1 
ATOM   322 C CE    . MET B 1 2  ? -4.686  -2.360  6.403   1.00 29.41 ? 0   MET B CE    1 
ATOM   323 N N     . GLU B 1 3  ? -7.735  -7.593  6.946   1.00 21.74 ? 1   GLU B N     1 
ATOM   324 C CA    . GLU B 1 3  ? -7.838  -8.982  6.499   1.00 14.37 ? 1   GLU B CA    1 
ATOM   325 C C     . GLU B 1 3  ? -6.717  -9.350  5.533   1.00 16.07 ? 1   GLU B C     1 
ATOM   326 O O     . GLU B 1 3  ? -6.187  -8.488  4.824   1.00 14.03 ? 1   GLU B O     1 
ATOM   327 C CB    . GLU B 1 3  ? -9.193  -9.238  5.840   1.00 23.59 ? 1   GLU B CB    1 
ATOM   328 C CG    . GLU B 1 3  ? -10.360 -9.151  6.806   1.00 26.93 ? 1   GLU B CG    1 
ATOM   329 C CD    . GLU B 1 3  ? -10.258 -10.187 7.905   1.00 36.72 ? 1   GLU B CD    1 
ATOM   330 O OE1   . GLU B 1 3  ? -10.157 -11.390 7.581   1.00 41.04 ? 1   GLU B OE1   1 
ATOM   331 O OE2   . GLU B 1 3  ? -10.258 -9.802  9.094   1.00 42.95 ? 1   GLU B OE2   1 
ATOM   332 N N     . GLN B 1 4  ? -6.353  -10.631 5.520   1.00 15.45 ? 2   GLN B N     1 
ATOM   333 C CA    . GLN B 1 4  ? -5.379  -11.139 4.556   1.00 14.59 ? 2   GLN B CA    1 
ATOM   334 C C     . GLN B 1 4  ? -6.044  -11.877 3.403   1.00 14.75 ? 2   GLN B C     1 
ATOM   335 O O     . GLN B 1 4  ? -7.205  -12.275 3.489   1.00 15.75 ? 2   GLN B O     1 
ATOM   336 C CB    . GLN B 1 4  ? -4.362  -12.050 5.235   1.00 15.67 ? 2   GLN B CB    1 
ATOM   337 C CG    . GLN B 1 4  ? -3.449  -11.279 6.152   1.00 19.68 ? 2   GLN B CG    1 
ATOM   338 C CD    . GLN B 1 4  ? -2.430  -12.146 6.835   1.00 20.72 ? 2   GLN B CD    1 
ATOM   339 O OE1   . GLN B 1 4  ? -1.414  -12.506 6.241   1.00 21.18 ? 2   GLN B OE1   1 
ATOM   340 N NE2   . GLN B 1 4  ? -2.687  -12.481 8.094   1.00 26.40 ? 2   GLN B NE2   1 
ATOM   341 N N     . CYS B 1 5  ? -5.289  -12.072 2.327   1.00 11.95 ? 3   CYS B N     1 
ATOM   342 C CA    . CYS B 1 5  ? -5.876  -12.521 1.079   1.00 13.36 ? 3   CYS B CA    1 
ATOM   343 C C     . CYS B 1 5  ? -4.842  -13.083 0.112   1.00 12.97 ? 3   CYS B C     1 
ATOM   344 O O     . CYS B 1 5  ? -3.638  -12.969 0.343   1.00 13.26 ? 3   CYS B O     1 
ATOM   345 C CB    . CYS B 1 5  ? -6.591  -11.354 0.416   1.00 10.18 ? 3   CYS B CB    1 
ATOM   346 S SG    . CYS B 1 5  ? -5.465  -9.957  0.107   1.00 13.64 ? 3   CYS B SG    1 
ATOM   347 N N     . GLY B 1 6  ? -5.316  -13.666 -0.984  1.00 13.32 ? 4   GLY B N     1 
ATOM   348 C CA    . GLY B 1 6  ? -4.431  -14.057 -2.071  1.00 12.24 ? 4   GLY B CA    1 
ATOM   349 C C     . GLY B 1 6  ? -3.509  -15.197 -1.702  1.00 16.57 ? 4   GLY B C     1 
ATOM   350 O O     . GLY B 1 6  ? -3.867  -16.051 -0.890  1.00 16.03 ? 4   GLY B O     1 
ATOM   351 N N     . ARG B 1 7  ? -2.315  -15.224 -2.281  1.00 14.90 ? 5   ARG B N     1 
ATOM   352 C CA    . ARG B 1 7  ? -1.467  -16.403 -2.081  1.00 14.59 ? 5   ARG B CA    1 
ATOM   353 C C     . ARG B 1 7  ? -1.017  -16.531 -0.625  1.00 21.94 ? 5   ARG B C     1 
ATOM   354 O O     . ARG B 1 7  ? -0.722  -17.634 -0.161  1.00 20.08 ? 5   ARG B O     1 
ATOM   355 C CB    . ARG B 1 7  ? -0.259  -16.389 -3.019  1.00 14.94 ? 5   ARG B CB    1 
ATOM   356 C CG    . ARG B 1 7  ? 0.638   -15.200 -2.895  1.00 21.66 ? 5   ARG B CG    1 
ATOM   357 C CD    . ARG B 1 7  ? 1.611   -15.133 -4.067  1.00 22.65 ? 5   ARG B CD    1 
ATOM   358 N NE    . ARG B 1 7  ? 2.066   -13.759 -4.221  1.00 30.80 ? 5   ARG B NE    1 
ATOM   359 C CZ    . ARG B 1 7  ? 1.625   -12.920 -5.154  1.00 24.02 ? 5   ARG B CZ    1 
ATOM   360 N NH1   . ARG B 1 7  ? 2.082   -11.678 -5.187  1.00 25.15 ? 5   ARG B NH1   1 
ATOM   361 N NH2   . ARG B 1 7  ? 0.741   -13.320 -6.064  1.00 27.99 ? 5   ARG B NH2   1 
ATOM   362 N N     . GLN B 1 8  ? -1.009  -15.415 0.099   1.00 16.40 ? 6   GLN B N     1 
ATOM   363 C CA    . GLN B 1 8  ? -0.604  -15.396 1.502   1.00 15.98 ? 6   GLN B CA    1 
ATOM   364 C C     . GLN B 1 8  ? -1.698  -15.930 2.423   1.00 17.45 ? 6   GLN B C     1 
ATOM   365 O O     . GLN B 1 8  ? -1.453  -16.206 3.605   1.00 21.05 ? 6   GLN B O     1 
ATOM   366 C CB    . GLN B 1 8  ? -0.221  -13.970 1.931   1.00 16.96 ? 6   GLN B CB    1 
ATOM   367 C CG    . GLN B 1 8  ? 1.056   -13.417 1.301   1.00 17.24 ? 6   GLN B CG    1 
ATOM   368 C CD    . GLN B 1 8  ? 0.838   -12.824 -0.084  1.00 15.11 ? 6   GLN B CD    1 
ATOM   369 O OE1   . GLN B 1 8  ? -0.290  -12.764 -0.577  1.00 13.58 ? 6   GLN B OE1   1 
ATOM   370 N NE2   . GLN B 1 8  ? 1.921   -12.370 -0.711  1.00 15.00 ? 6   GLN B NE2   1 
ATOM   371 N N     . ALA B 1 9  ? -2.905  -16.076 1.884   1.00 17.04 ? 7   ALA B N     1 
ATOM   372 C CA    . ALA B 1 9  ? -4.027  -16.605 2.655   1.00 18.54 ? 7   ALA B CA    1 
ATOM   373 C C     . ALA B 1 9  ? -4.710  -17.748 1.912   1.00 17.21 ? 7   ALA B C     1 
ATOM   374 O O     . ALA B 1 9  ? -5.931  -17.891 1.965   1.00 20.67 ? 7   ALA B O     1 
ATOM   375 C CB    . ALA B 1 9  ? -5.026  -15.507 2.966   1.00 18.33 ? 7   ALA B CB    1 
ATOM   376 N N     . GLY B 1 10 ? -3.913  -18.538 1.201   1.00 18.21 ? 8   GLY B N     1 
ATOM   377 C CA    . GLY B 1 10 ? -4.420  -19.696 0.489   1.00 25.33 ? 8   GLY B CA    1 
ATOM   378 C C     . GLY B 1 10 ? -5.463  -19.430 -0.581  1.00 20.45 ? 8   GLY B C     1 
ATOM   379 O O     . GLY B 1 10 ? -6.205  -20.332 -0.962  1.00 23.93 ? 8   GLY B O     1 
ATOM   380 N N     . GLY B 1 11 ? -5.534  -18.198 -1.077  1.00 17.08 ? 9   GLY B N     1 
ATOM   381 C CA    . GLY B 1 11 ? -6.474  -17.873 -2.136  1.00 19.79 ? 9   GLY B CA    1 
ATOM   382 C C     . GLY B 1 11 ? -7.722  -17.145 -1.667  1.00 16.79 ? 9   GLY B C     1 
ATOM   383 O O     . GLY B 1 11 ? -8.640  -16.917 -2.456  1.00 20.80 ? 9   GLY B O     1 
ATOM   384 N N     . ALA B 1 12 ? -7.752  -16.767 -0.392  1.00 15.70 ? 10  ALA B N     1 
ATOM   385 C CA    . ALA B 1 12 ? -8.890  -16.039 0.160   1.00 16.05 ? 10  ALA B CA    1 
ATOM   386 C C     . ALA B 1 12 ? -9.149  -14.740 -0.596  1.00 17.16 ? 10  ALA B C     1 
ATOM   387 O O     . ALA B 1 12 ? -8.222  -14.093 -1.086  1.00 15.93 ? 10  ALA B O     1 
ATOM   388 C CB    . ALA B 1 12 ? -8.664  -15.746 1.621   1.00 14.84 ? 10  ALA B CB    1 
ATOM   389 N N     . LEU B 1 13 ? -10.419 -14.365 -0.705  1.00 16.72 ? 11  LEU B N     1 
ATOM   390 C CA    . LEU B 1 13 ? -10.782 -13.081 -1.284  1.00 15.73 ? 11  LEU B CA    1 
ATOM   391 C C     . LEU B 1 13 ? -10.955 -12.071 -0.165  1.00 15.01 ? 11  LEU B C     1 
ATOM   392 O O     . LEU B 1 13 ? -11.246 -12.441 0.966   1.00 17.91 ? 11  LEU B O     1 
ATOM   393 C CB    . LEU B 1 13 ? -12.072 -13.193 -2.099  1.00 21.77 ? 11  LEU B CB    1 
ATOM   394 C CG    . LEU B 1 13 ? -11.975 -14.089 -3.329  1.00 28.35 ? 11  LEU B CG    1 
ATOM   395 C CD1   . LEU B 1 13 ? -13.325 -14.718 -3.628  1.00 31.75 ? 11  LEU B CD1   1 
ATOM   396 C CD2   . LEU B 1 13 ? -11.485 -13.271 -4.510  1.00 30.12 ? 11  LEU B CD2   1 
ATOM   397 N N     . CYS B 1 14 ? -10.779 -10.789 -0.474  1.00 15.55 ? 12  CYS B N     1 
ATOM   398 C CA    . CYS B 1 14 ? -11.049 -9.748  0.510   1.00 15.89 ? 12  CYS B CA    1 
ATOM   399 C C     . CYS B 1 14 ? -12.537 -9.533  0.664   1.00 14.66 ? 12  CYS B C     1 
ATOM   400 O O     . CYS B 1 14 ? -13.270 -9.590  -0.320  1.00 16.30 ? 12  CYS B O     1 
ATOM   401 C CB    . CYS B 1 14 ? -10.410 -8.426  0.106   1.00 12.21 ? 12  CYS B CB    1 
ATOM   402 S SG    . CYS B 1 14 ? -8.627  -8.434  0.083   1.00 14.16 ? 12  CYS B SG    1 
ATOM   403 N N     . PRO B 1 15 ? -12.981 -9.264  1.897   1.00 14.39 ? 13  PRO B N     1 
ATOM   404 C CA    . PRO B 1 15 ? -14.377 -8.896  2.123   1.00 17.47 ? 13  PRO B CA    1 
ATOM   405 C C     . PRO B 1 15 ? -14.632 -7.470  1.672   1.00 20.13 ? 13  PRO B C     1 
ATOM   406 O O     . PRO B 1 15 ? -13.675 -6.720  1.479   1.00 18.53 ? 13  PRO B O     1 
ATOM   407 C CB    . PRO B 1 15 ? -14.528 -9.015  3.638   1.00 21.57 ? 13  PRO B CB    1 
ATOM   408 C CG    . PRO B 1 15 ? -13.165 -8.659  4.155   0.76 21.23 ? 13  PRO B CG    1 
ATOM   409 C CD    . PRO B 1 15 ? -12.182 -9.185  3.133   1.00 17.17 ? 13  PRO B CD    1 
ATOM   410 N N     . GLY B 1 16 ? -15.900 -7.116  1.501   1.00 23.61 ? 14  GLY B N     1 
ATOM   411 C CA    . GLY B 1 16 ? -16.307 -5.745  1.251   1.00 24.81 ? 14  GLY B CA    1 
ATOM   412 C C     . GLY B 1 16 ? -15.664 -5.047  0.071   1.00 23.11 ? 14  GLY B C     1 
ATOM   413 O O     . GLY B 1 16 ? -15.433 -3.842  0.127   1.00 26.63 ? 14  GLY B O     1 
ATOM   414 N N     . GLY B 1 17 ? -15.368 -5.786  -0.993  1.00 17.17 ? 15  GLY B N     1 
ATOM   415 C CA    . GLY B 1 17 ? -14.876 -5.181  -2.217  1.00 19.74 ? 15  GLY B CA    1 
ATOM   416 C C     . GLY B 1 17 ? -13.517 -4.514  -2.087  1.00 21.13 ? 15  GLY B C     1 
ATOM   417 O O     . GLY B 1 17 ? -13.221 -3.535  -2.777  1.00 17.58 ? 15  GLY B O     1 
ATOM   418 N N     . LEU B 1 18 ? -12.682 -5.046  -1.203  1.00 15.59 ? 16  LEU B N     1 
ATOM   419 C CA    . LEU B 1 18 ? -11.340 -4.499  -1.024  1.00 13.01 ? 16  LEU B CA    1 
ATOM   420 C C     . LEU B 1 18 ? -10.345 -5.170  -1.970  1.00 11.96 ? 16  LEU B C     1 
ATOM   421 O O     . LEU B 1 18 ? -10.483 -6.346  -2.295  1.00 15.21 ? 16  LEU B O     1 
ATOM   422 C CB    . LEU B 1 18 ? -10.873 -4.659  0.426   1.00 13.31 ? 16  LEU B CB    1 
ATOM   423 C CG    . LEU B 1 18 ? -11.699 -3.919  1.487   1.00 11.80 ? 16  LEU B CG    1 
ATOM   424 C CD1   . LEU B 1 18 ? -11.231 -4.247  2.879   1.00 12.20 ? 16  LEU B CD1   1 
ATOM   425 C CD2   . LEU B 1 18 ? -11.637 -2.421  1.271   1.00 12.29 ? 16  LEU B CD2   1 
ATOM   426 N N     . CYS B 1 19 ? -9.345  -4.412  -2.407  1.00 12.37 ? 17  CYS B N     1 
ATOM   427 C CA    . CYS B 1 19 ? -8.283  -4.950  -3.247  1.00 12.15 ? 17  CYS B CA    1 
ATOM   428 C C     . CYS B 1 19 ? -7.303  -5.775  -2.444  1.00 9.53  ? 17  CYS B C     1 
ATOM   429 O O     . CYS B 1 19 ? -6.955  -5.412  -1.318  1.00 11.78 ? 17  CYS B O     1 
ATOM   430 C CB    . CYS B 1 19 ? -7.507  -3.843  -3.929  1.00 9.98  ? 17  CYS B CB    1 
ATOM   431 S SG    . CYS B 1 19 ? -8.525  -2.727  -4.865  1.00 14.04 ? 17  CYS B SG    1 
ATOM   432 N N     . CYS B 1 20 ? -6.812  -6.849  -3.052  1.00 13.03 ? 18  CYS B N     1 
ATOM   433 C CA    . CYS B 1 20 ? -5.761  -7.651  -2.434  1.00 10.55 ? 18  CYS B CA    1 
ATOM   434 C C     . CYS B 1 20 ? -4.385  -7.269  -2.981  1.00 9.75  ? 18  CYS B C     1 
ATOM   435 O O     . CYS B 1 20 ? -4.090  -7.490  -4.149  1.00 12.42 ? 18  CYS B O     1 
ATOM   436 C CB    . CYS B 1 20 ? -6.025  -9.136  -2.656  1.00 10.06 ? 18  CYS B CB    1 
ATOM   437 S SG    . CYS B 1 20 ? -4.848  -10.211 -1.817  1.00 13.29 ? 18  CYS B SG    1 
ATOM   438 N N     . SER B 1 21 ? -3.534  -6.704  -2.130  1.00 9.24  ? 19  SER B N     1 
ATOM   439 C CA    . SER B 1 21 ? -2.200  -6.296  -2.555  1.00 9.11  ? 19  SER B CA    1 
ATOM   440 C C     . SER B 1 21 ? -1.311  -7.485  -2.867  1.00 10.96 ? 19  SER B C     1 
ATOM   441 O O     . SER B 1 21 ? -1.624  -8.612  -2.504  1.00 11.75 ? 19  SER B O     1 
ATOM   442 C CB    . SER B 1 21 ? -1.526  -5.458  -1.472  1.00 9.74  ? 19  SER B CB    1 
ATOM   443 O OG    . SER B 1 21 ? -0.998  -6.303  -0.462  1.00 12.13 ? 19  SER B OG    1 
ATOM   444 N N     . GLN B 1 22 ? -0.180  -7.219  -3.510  1.00 13.08 ? 20  GLN B N     1 
ATOM   445 C CA    . GLN B 1 22 ? 0.803   -8.262  -3.768  1.00 11.97 ? 20  GLN B CA    1 
ATOM   446 C C     . GLN B 1 22 ? 1.337   -8.901  -2.491  1.00 12.63 ? 20  GLN B C     1 
ATOM   447 O O     . GLN B 1 22 ? 1.926   -9.970  -2.552  1.00 12.54 ? 20  GLN B O     1 
ATOM   448 C CB    . GLN B 1 22 ? 1.978   -7.705  -4.574  1.00 13.90 ? 20  GLN B CB    1 
ATOM   449 C CG    . GLN B 1 22 ? 2.836   -6.726  -3.807  1.00 15.42 ? 20  GLN B CG    1 
ATOM   450 C CD    . GLN B 1 22 ? 3.771   -5.941  -4.702  1.00 23.41 ? 20  GLN B CD    1 
ATOM   451 O OE1   . GLN B 1 22 ? 3.385   -4.930  -5.291  1.00 26.63 ? 20  GLN B OE1   1 
ATOM   452 N NE2   . GLN B 1 22 ? 5.009   -6.399  -4.804  1.00 16.23 ? 20  GLN B NE2   1 
ATOM   453 N N     . TYR B 1 23 ? 1.136   -8.244  -1.349  1.00 10.54 ? 21  TYR B N     1 
ATOM   454 C CA    . TYR B 1 23 ? 1.623   -8.758  -0.075  1.00 11.02 ? 21  TYR B CA    1 
ATOM   455 C C     . TYR B 1 23 ? 0.539   -9.507  0.685   1.00 11.55 ? 21  TYR B C     1 
ATOM   456 O O     . TYR B 1 23 ? 0.793   -10.063 1.753   1.00 11.73 ? 21  TYR B O     1 
ATOM   457 C CB    . TYR B 1 23 ? 2.185   -7.629  0.793   1.00 10.35 ? 21  TYR B CB    1 
ATOM   458 C CG    . TYR B 1 23 ? 3.497   -7.068  0.288   1.00 12.26 ? 21  TYR B CG    1 
ATOM   459 C CD1   . TYR B 1 23 ? 4.694   -7.717  0.543   1.00 13.39 ? 21  TYR B CD1   1 
ATOM   460 C CD2   . TYR B 1 23 ? 3.532   -5.886  -0.448  1.00 13.62 ? 21  TYR B CD2   1 
ATOM   461 C CE1   . TYR B 1 23 ? 5.892   -7.207  0.084   1.00 16.49 ? 21  TYR B CE1   1 
ATOM   462 C CE2   . TYR B 1 23 ? 4.732   -5.366  -0.916  1.00 16.65 ? 21  TYR B CE2   1 
ATOM   463 C CZ    . TYR B 1 23 ? 5.905   -6.035  -0.642  1.00 18.47 ? 21  TYR B CZ    1 
ATOM   464 O OH    . TYR B 1 23 ? 7.100   -5.531  -1.101  1.00 22.13 ? 21  TYR B OH    1 
ATOM   465 N N     . GLY B 1 24 ? -0.670  -9.541  0.135   1.00 12.00 ? 22  GLY B N     1 
ATOM   466 C CA    . GLY B 1 24 ? -1.737  -10.313 0.740   1.00 12.32 ? 22  GLY B CA    1 
ATOM   467 C C     . GLY B 1 24 ? -2.509  -9.589  1.822   1.00 10.82 ? 22  GLY B C     1 
ATOM   468 O O     . GLY B 1 24 ? -2.997  -10.217 2.759   1.00 11.25 ? 22  GLY B O     1 
ATOM   469 N N     . TRP B 1 25 ? -2.643  -8.270  1.681   1.00 9.74  ? 23  TRP B N     1 
ATOM   470 C CA    . TRP B 1 25 ? -3.465  -7.485  2.595   1.00 9.39  ? 23  TRP B CA    1 
ATOM   471 C C     . TRP B 1 25 ? -4.581  -6.780  1.822   1.00 10.15 ? 23  TRP B C     1 
ATOM   472 O O     . TRP B 1 25 ? -4.421  -6.466  0.637   1.00 9.48  ? 23  TRP B O     1 
ATOM   473 C CB    . TRP B 1 25 ? -2.605  -6.461  3.349   1.00 10.90 ? 23  TRP B CB    1 
ATOM   474 C CG    . TRP B 1 25 ? -1.604  -7.092  4.251   1.00 8.74  ? 23  TRP B CG    1 
ATOM   475 C CD1   . TRP B 1 25 ? -0.282  -7.288  3.991   1.00 10.37 ? 23  TRP B CD1   1 
ATOM   476 C CD2   . TRP B 1 25 ? -1.843  -7.636  5.556   1.00 12.44 ? 23  TRP B CD2   1 
ATOM   477 N NE1   . TRP B 1 25 ? 0.324   -7.915  5.056   1.00 12.85 ? 23  TRP B NE1   1 
ATOM   478 C CE2   . TRP B 1 25 ? -0.611  -8.136  6.031   1.00 13.88 ? 23  TRP B CE2   1 
ATOM   479 C CE3   . TRP B 1 25 ? -2.973  -7.742  6.373   1.00 12.68 ? 23  TRP B CE3   1 
ATOM   480 C CZ2   . TRP B 1 25 ? -0.478  -8.739  7.285   1.00 15.56 ? 23  TRP B CZ2   1 
ATOM   481 C CZ3   . TRP B 1 25 ? -2.835  -8.332  7.628   1.00 14.81 ? 23  TRP B CZ3   1 
ATOM   482 C CH2   . TRP B 1 25 ? -1.597  -8.825  8.064   1.00 16.14 ? 23  TRP B CH2   1 
ATOM   483 N N     . CYS B 1 26 ? -5.695  -6.530  2.506   1.00 9.65  ? 24  CYS B N     1 
ATOM   484 C CA    . CYS B 1 26 ? -6.908  -5.979  1.895   1.00 12.22 ? 24  CYS B CA    1 
ATOM   485 C C     . CYS B 1 26 ? -7.103  -4.514  2.228   1.00 12.28 ? 24  CYS B C     1 
ATOM   486 O O     . CYS B 1 26 ? -7.267  -4.167  3.401   1.00 15.43 ? 24  CYS B O     1 
ATOM   487 C CB    . CYS B 1 26 ? -8.140  -6.743  2.379   1.00 14.07 ? 24  CYS B CB    1 
ATOM   488 S SG    . CYS B 1 26 ? -8.123  -8.493  2.044   1.00 14.39 ? 24  CYS B SG    1 
ATOM   489 N N     . ALA B 1 27 ? -7.121  -3.661  1.205   1.00 11.78 ? 25  ALA B N     1 
ATOM   490 C CA    . ALA B 1 27 ? -7.410  -2.239  1.396   1.00 11.92 ? 25  ALA B CA    1 
ATOM   491 C C     . ALA B 1 27 ? -7.792  -1.624  0.065   1.00 13.53 ? 25  ALA B C     1 
ATOM   492 O O     . ALA B 1 27 ? -7.648  -2.270  -0.973  1.00 15.47 ? 25  ALA B O     1 
ATOM   493 C CB    . ALA B 1 27 ? -6.212  -1.505  2.003   1.00 10.37 ? 25  ALA B CB    1 
ATOM   494 N N     . ASN B 1 28 ? -8.243  -0.373  0.080   1.00 11.16 ? 26  ASN B N     1 
ATOM   495 C CA    A ASN B 1 28 ? -8.713  0.310   -1.109  0.63 12.73 ? 26  ASN B CA    1 
ATOM   496 C CA    B ASN B 1 28 ? -8.613  0.243   -1.197  0.37 12.70 ? 26  ASN B CA    1 
ATOM   497 C C     . ASN B 1 28 ? -7.916  1.575   -1.453  1.00 13.02 ? 26  ASN B C     1 
ATOM   498 O O     . ASN B 1 28 ? -8.517  2.630   -1.604  1.00 13.52 ? 26  ASN B O     1 
ATOM   499 C CB    A ASN B 1 28 ? -10.210 0.654   -0.944  0.63 13.42 ? 26  ASN B CB    1 
ATOM   500 C CB    B ASN B 1 28 ? -10.128 0.389   -1.306  0.37 14.07 ? 26  ASN B CB    1 
ATOM   501 C CG    A ASN B 1 28 ? -10.534 1.373   0.379   0.63 11.77 ? 26  ASN B CG    1 
ATOM   502 C CG    B ASN B 1 28 ? -10.760 -0.783  -2.039  0.37 13.27 ? 26  ASN B CG    1 
ATOM   503 O OD1   A ASN B 1 28 ? -9.721  1.428   1.302   0.63 13.50 ? 26  ASN B OD1   1 
ATOM   504 O OD1   B ASN B 1 28 ? -10.115 -1.810  -2.250  0.37 14.80 ? 26  ASN B OD1   1 
ATOM   505 N ND2   A ASN B 1 28 ? -11.757 1.902   0.475   0.63 11.99 ? 26  ASN B ND2   1 
ATOM   506 N ND2   B ASN B 1 28 ? -12.019 -0.640  -2.428  0.37 11.82 ? 26  ASN B ND2   1 
ATOM   507 N N     . THR B 1 29 ? -6.595  1.470   -1.555  1.00 14.98 ? 27  THR B N     1 
ATOM   508 C CA    . THR B 1 29 ? -5.733  2.585   -1.947  1.00 13.43 ? 27  THR B CA    1 
ATOM   509 C C     . THR B 1 29 ? -4.914  2.110   -3.145  1.00 12.17 ? 27  THR B C     1 
ATOM   510 O O     . THR B 1 29 ? -4.867  0.911   -3.401  1.00 14.33 ? 27  THR B O     1 
ATOM   511 C CB    . THR B 1 29 ? -4.820  3.033   -0.797  1.00 17.31 ? 27  THR B CB    1 
ATOM   512 O OG1   . THR B 1 29 ? -3.731  2.107   -0.665  1.00 16.53 ? 27  THR B OG1   1 
ATOM   513 C CG2   . THR B 1 29 ? -5.607  3.141   0.518   1.00 18.30 ? 27  THR B CG2   1 
ATOM   514 N N     . PRO B 1 30 ? -4.254  3.025   -3.883  1.00 10.89 ? 28  PRO B N     1 
ATOM   515 C CA    . PRO B 1 30 ? -3.569  2.568   -5.097  1.00 11.43 ? 28  PRO B CA    1 
ATOM   516 C C     . PRO B 1 30 ? -2.442  1.583   -4.807  1.00 14.41 ? 28  PRO B C     1 
ATOM   517 O O     . PRO B 1 30 ? -2.087  0.771   -5.659  1.00 16.22 ? 28  PRO B O     1 
ATOM   518 C CB    . PRO B 1 30 ? -3.010  3.870   -5.699  1.00 17.02 ? 28  PRO B CB    1 
ATOM   519 C CG    . PRO B 1 30 ? -3.854  4.954   -5.110  1.00 16.50 ? 28  PRO B CG    1 
ATOM   520 C CD    . PRO B 1 30 ? -4.139  4.487   -3.721  1.00 14.92 ? 28  PRO B CD    1 
ATOM   521 N N     . GLU B 1 31 ? -1.890  1.660   -3.605  1.00 13.55 ? 29  GLU B N     1 
ATOM   522 C CA    . GLU B 1 31 ? -0.810  0.776   -3.205  1.00 12.53 ? 29  GLU B CA    1 
ATOM   523 C C     . GLU B 1 31 ? -1.268  -0.682  -3.154  1.00 14.91 ? 29  GLU B C     1 
ATOM   524 O O     . GLU B 1 31 ? -0.442  -1.600  -3.238  1.00 19.29 ? 29  GLU B O     1 
ATOM   525 C CB    . GLU B 1 31 ? -0.268  1.197   -1.843  1.00 11.91 ? 29  GLU B CB    1 
ATOM   526 C CG    . GLU B 1 31 ? 0.482   2.526   -1.822  1.00 11.82 ? 29  GLU B CG    1 
ATOM   527 C CD    . GLU B 1 31 ? -0.432  3.746   -1.759  1.00 14.24 ? 29  GLU B CD    1 
ATOM   528 O OE1   . GLU B 1 31 ? -1.662  3.600   -1.533  1.00 13.07 ? 29  GLU B OE1   1 
ATOM   529 O OE2   . GLU B 1 31 ? 0.089   4.872   -1.918  1.00 13.80 ? 29  GLU B OE2   1 
ATOM   530 N N     . TYR B 1 32 ? -2.579  -0.883  -3.006  1.00 11.42 ? 30  TYR B N     1 
ATOM   531 C CA    . TYR B 1 32 ? -3.172  -2.217  -2.917  1.00 11.82 ? 30  TYR B CA    1 
ATOM   532 C C     . TYR B 1 32 ? -3.854  -2.631  -4.214  1.00 13.57 ? 30  TYR B C     1 
ATOM   533 O O     . TYR B 1 32 ? -3.894  -3.818  -4.543  1.00 14.98 ? 30  TYR B O     1 
ATOM   534 C CB    . TYR B 1 32 ? -4.204  -2.289  -1.788  1.00 12.14 ? 30  TYR B CB    1 
ATOM   535 C CG    . TYR B 1 32 ? -3.649  -2.108  -0.394  1.00 10.37 ? 30  TYR B CG    1 
ATOM   536 C CD1   . TYR B 1 32 ? -3.248  -0.859  0.058   1.00 15.08 ? 30  TYR B CD1   1 
ATOM   537 C CD2   . TYR B 1 32 ? -3.554  -3.179  0.480   1.00 10.27 ? 30  TYR B CD2   1 
ATOM   538 C CE1   . TYR B 1 32 ? -2.751  -0.683  1.341   1.00 15.98 ? 30  TYR B CE1   1 
ATOM   539 C CE2   . TYR B 1 32 ? -3.053  -3.017  1.773   1.00 12.43 ? 30  TYR B CE2   1 
ATOM   540 C CZ    . TYR B 1 32 ? -2.648  -1.765  2.193   1.00 14.87 ? 30  TYR B CZ    1 
ATOM   541 O OH    . TYR B 1 32 ? -2.157  -1.582  3.474   1.00 14.41 ? 30  TYR B OH    1 
ATOM   542 N N     . CYS B 1 33 ? -4.400  -1.655  -4.937  1.00 13.88 ? 31  CYS B N     1 
ATOM   543 C CA    . CYS B 1 33 ? -5.225  -1.938  -6.109  1.00 15.10 ? 31  CYS B CA    1 
ATOM   544 C C     . CYS B 1 33 ? -4.429  -1.916  -7.418  1.00 17.43 ? 31  CYS B C     1 
ATOM   545 O O     . CYS B 1 33 ? -4.929  -2.363  -8.454  1.00 15.72 ? 31  CYS B O     1 
ATOM   546 C CB    . CYS B 1 33 ? -6.392  -0.940  -6.182  1.00 10.98 ? 31  CYS B CB    1 
ATOM   547 S SG    . CYS B 1 33 ? -7.513  -0.958  -4.753  1.00 16.82 ? 31  CYS B SG    1 
ATOM   548 N N     . GLY B 1 34 ? -3.191  -1.425  -7.361  1.00 19.27 ? 32  GLY B N     1 
ATOM   549 C CA    . GLY B 1 34 ? -2.347  -1.273  -8.540  1.00 19.25 ? 32  GLY B CA    1 
ATOM   550 C C     . GLY B 1 34 ? -1.529  -2.495  -8.916  1.00 21.29 ? 32  GLY B C     1 
ATOM   551 O O     . GLY B 1 34 ? -1.977  -3.624  -8.736  1.00 20.72 ? 32  GLY B O     1 
ATOM   552 N N     . SER B 1 35 ? -0.323  -2.278  -9.438  1.00 26.78 ? 33  SER B N     1 
ATOM   553 C CA    . SER B 1 35 ? 0.502   -3.385  -9.920  1.00 26.72 ? 33  SER B CA    1 
ATOM   554 C C     . SER B 1 35 ? 0.719   -4.412  -8.820  1.00 20.25 ? 33  SER B C     1 
ATOM   555 O O     . SER B 1 35 ? 0.971   -4.059  -7.664  1.00 26.98 ? 33  SER B O     1 
ATOM   556 C CB    . SER B 1 35 ? 1.855   -2.886  -10.438 1.00 33.97 ? 33  SER B CB    1 
ATOM   557 O OG    . SER B 1 35 ? 2.611   -2.282  -9.398  1.00 36.12 ? 33  SER B OG    1 
ATOM   558 N N     . GLY B 1 36 ? 0.581   -5.681  -9.183  1.00 26.18 ? 34  GLY B N     1 
ATOM   559 C CA    . GLY B 1 36 ? 0.744   -6.753  -8.230  1.00 19.45 ? 34  GLY B CA    1 
ATOM   560 C C     . GLY B 1 36 ? -0.530  -7.082  -7.485  1.00 13.82 ? 34  GLY B C     1 
ATOM   561 O O     . GLY B 1 36 ? -0.566  -8.082  -6.772  1.00 18.68 ? 34  GLY B O     1 
ATOM   562 N N     . CYS B 1 37 ? -1.577  -6.263  -7.647  1.00 15.82 ? 35  CYS B N     1 
ATOM   563 C CA    . CYS B 1 37 ? -2.858  -6.573  -7.014  1.00 14.06 ? 35  CYS B CA    1 
ATOM   564 C C     . CYS B 1 37 ? -3.303  -7.957  -7.446  1.00 13.82 ? 35  CYS B C     1 
ATOM   565 O O     . CYS B 1 37 ? -3.234  -8.292  -8.635  1.00 18.94 ? 35  CYS B O     1 
ATOM   566 C CB    . CYS B 1 37 ? -3.926  -5.535  -7.367  1.00 13.61 ? 35  CYS B CB    1 
ATOM   567 S SG    . CYS B 1 37 ? -5.589  -5.940  -6.800  1.00 12.61 ? 35  CYS B SG    1 
ATOM   568 N N     . GLN B 1 38 ? -3.744  -8.769  -6.492  1.00 14.57 ? 36  GLN B N     1 
ATOM   569 C CA    . GLN B 1 38 ? -4.015  -10.176 -6.765  1.00 14.38 ? 36  GLN B CA    1 
ATOM   570 C C     . GLN B 1 38 ? -5.465  -10.459 -7.094  1.00 16.34 ? 36  GLN B C     1 
ATOM   571 O O     . GLN B 1 38 ? -5.767  -11.462 -7.746  1.00 20.68 ? 36  GLN B O     1 
ATOM   572 C CB    . GLN B 1 38 ? -3.616  -11.039 -5.569  1.00 13.29 ? 36  GLN B CB    1 
ATOM   573 C CG    . GLN B 1 38 ? -2.169  -10.934 -5.169  1.00 15.49 ? 36  GLN B CG    1 
ATOM   574 C CD    . GLN B 1 38 ? -1.822  -11.920 -4.067  1.00 14.53 ? 36  GLN B CD    1 
ATOM   575 O OE1   . GLN B 1 38 ? -1.963  -13.140 -4.236  1.00 14.14 ? 36  GLN B OE1   1 
ATOM   576 N NE2   . GLN B 1 38 ? -1.391  -11.400 -2.920  1.00 14.38 ? 36  GLN B NE2   1 
ATOM   577 N N     . SER B 1 39 ? -6.363  -9.610  -6.606  1.00 15.72 ? 37  SER B N     1 
ATOM   578 C CA    . SER B 1 39 ? -7.791  -9.823  -6.805  1.00 14.19 ? 37  SER B CA    1 
ATOM   579 C C     . SER B 1 39 ? -8.606  -8.593  -6.431  1.00 15.95 ? 37  SER B C     1 
ATOM   580 O O     . SER B 1 39 ? -8.163  -7.760  -5.628  1.00 14.12 ? 37  SER B O     1 
ATOM   581 C CB    . SER B 1 39 ? -8.274  -11.033 -5.993  1.00 18.77 ? 37  SER B CB    1 
ATOM   582 O OG    . SER B 1 39 ? -8.015  -10.866 -4.611  1.00 17.86 ? 37  SER B OG    1 
ATOM   583 N N     . GLN B 1 40 ? -9.801  -8.499  -7.016  1.00 15.16 ? 38  GLN B N     1 
ATOM   584 C CA    . GLN B 1 40 ? -10.759 -7.428  -6.740  1.00 14.84 ? 38  GLN B CA    1 
ATOM   585 C C     . GLN B 1 40 ? -10.111 -6.059  -6.899  1.00 11.21 ? 38  GLN B C     1 
ATOM   586 O O     . GLN B 1 40 ? -10.332 -5.147  -6.104  1.00 16.33 ? 38  GLN B O     1 
ATOM   587 C CB    . GLN B 1 40 ? -11.358 -7.602  -5.343  1.00 17.78 ? 38  GLN B CB    1 
ATOM   588 C CG    . GLN B 1 40 ? -12.285 -8.812  -5.264  1.00 22.51 ? 38  GLN B CG    1 
ATOM   589 C CD    . GLN B 1 40 ? -12.898 -9.036  -3.892  1.00 30.81 ? 38  GLN B CD    1 
ATOM   590 O OE1   . GLN B 1 40 ? -12.744 -8.224  -2.978  1.00 27.42 ? 38  GLN B OE1   1 
ATOM   591 N NE2   . GLN B 1 40 ? -13.607 -10.151 -3.746  1.00 25.58 ? 38  GLN B NE2   1 
ATOM   592 N N     . CYS B 1 41 ? -9.321  -5.924  -7.956  1.00 13.18 ? 39  CYS B N     1 
ATOM   593 C CA    . CYS B 1 41 ? -8.519  -4.728  -8.172  1.00 13.30 ? 39  CYS B CA    1 
ATOM   594 C C     . CYS B 1 41 ? -9.357  -3.553  -8.644  1.00 13.60 ? 39  CYS B C     1 
ATOM   595 O O     . CYS B 1 41 ? -8.884  -2.416  -8.677  1.00 16.46 ? 39  CYS B O     1 
ATOM   596 C CB    . CYS B 1 41 ? -7.413  -5.034  -9.172  1.00 12.79 ? 39  CYS B CB    1 
ATOM   597 S SG    . CYS B 1 41 ? -6.392  -6.434  -8.617  1.00 18.81 ? 39  CYS B SG    1 
ATOM   598 N N     . ASP B 1 42 ? -10.610 -3.845  -8.991  1.00 16.94 ? 40  ASP B N     1 
ATOM   599 C CA    . ASP B 1 42 ? -11.551 -2.834  -9.460  1.00 16.57 ? 40  ASP B CA    1 
ATOM   600 C C     . ASP B 1 42 ? -12.528 -2.418  -8.366  1.00 15.31 ? 40  ASP B C     1 
ATOM   601 O O     . ASP B 1 42 ? -13.470 -1.663  -8.611  1.00 21.88 ? 40  ASP B O     1 
ATOM   602 C CB    . ASP B 1 42 ? -12.330 -3.356  -10.671 1.00 22.92 ? 40  ASP B CB    1 
ATOM   603 C CG    . ASP B 1 42 ? -13.027 -4.694  -10.395 1.00 29.35 ? 40  ASP B CG    1 
ATOM   604 O OD1   . ASP B 1 42 ? -12.999 -5.186  -9.238  1.00 30.48 ? 40  ASP B OD1   1 
ATOM   605 O OD2   . ASP B 1 42 ? -13.601 -5.264  -11.351 1.00 38.37 ? 40  ASP B OD2   1 
ATOM   606 N N     . GLY B 1 43 ? -12.321 -2.931  -7.158  1.00 15.06 ? 41  GLY B N     1 
ATOM   607 C CA    . GLY B 1 43 ? -13.161 -2.550  -6.044  1.00 15.13 ? 41  GLY B CA    1 
ATOM   608 C C     . GLY B 1 43 ? -14.416 -3.389  -5.943  1.00 19.53 ? 41  GLY B C     1 
ATOM   609 O O     . GLY B 1 43 ? -15.311 -3.082  -5.150  1.00 20.23 ? 41  GLY B O     1 
ATOM   610 N N     . GLY B 1 44 ? -14.485 -4.445  -6.747  1.00 18.70 ? 42  GLY B N     1 
ATOM   611 C CA    . GLY B 1 44 ? -15.598 -5.373  -6.693  1.00 23.42 ? 42  GLY B CA    1 
ATOM   612 C C     . GLY B 1 44 ? -16.858 -4.896  -7.391  1.00 30.40 ? 42  GLY B C     1 
ATOM   613 O O     . GLY B 1 44 ? -17.964 -5.182  -6.932  1.00 35.41 ? 42  GLY B O     1 
ATOM   614 N N     . VAL B 1 45 ? -16.696 -4.174  -8.498  1.00 24.84 ? 43  VAL B N     1 
ATOM   615 C CA    . VAL B 1 45 ? -17.842 -3.697  -9.276  1.00 31.55 ? 43  VAL B CA    1 
ATOM   616 C C     . VAL B 1 45 ? -18.772 -4.830  -9.710  1.00 40.37 ? 43  VAL B C     1 
ATOM   617 O O     . VAL B 1 45 ? -19.897 -4.576  -10.144 1.00 44.23 ? 43  VAL B O     1 
ATOM   618 C CB    . VAL B 1 45 ? -17.397 -2.931  -10.540 1.00 33.57 ? 43  VAL B CB    1 
ATOM   619 C CG1   . VAL B 1 45 ? -16.841 -1.587  -10.169 1.00 27.15 ? 43  VAL B CG1   1 
ATOM   620 C CG2   . VAL B 1 45 ? -16.382 -3.737  -11.333 1.00 34.82 ? 43  VAL B CG2   1 
ATOM   621 O OXT   . VAL B 1 45 ? -18.430 -6.015  -9.645  1.00 38.98 ? 43  VAL B OXT   1 
HETATM 622 O O1    . MES C 2 .  ? -6.202  6.643   -1.969  1.00 20.93 ? 101 MES A O1    1 
HETATM 623 C C2    . MES C 2 .  ? -7.463  6.374   -1.356  1.00 15.20 ? 101 MES A C2    1 
HETATM 624 C C3    . MES C 2 .  ? -7.954  7.541   -0.512  1.00 23.64 ? 101 MES A C3    1 
HETATM 625 N N4    . MES C 2 .  ? -6.891  8.113   0.306   1.00 19.46 ? 101 MES A N4    1 
HETATM 626 C C5    . MES C 2 .  ? -5.564  8.268   -0.268  1.00 21.85 ? 101 MES A C5    1 
HETATM 627 C C6    . MES C 2 .  ? -5.202  7.002   -1.022  1.00 20.75 ? 101 MES A C6    1 
HETATM 628 C C7    . MES C 2 .  ? -7.354  9.232   1.118   1.00 28.74 ? 101 MES A C7    1 
HETATM 629 C C8    . MES C 2 .  ? -6.468  9.353   2.353   1.00 38.55 ? 101 MES A C8    1 
HETATM 630 S S     . MES C 2 .  ? -7.103  10.558  3.320   1.00 39.27 ? 101 MES A S     1 
HETATM 631 O O1S   . MES C 2 .  ? -8.255  9.997   4.063   1.00 34.20 ? 101 MES A O1S   1 
HETATM 632 O O2S   . MES C 2 .  ? -7.516  11.696  2.465   1.00 30.43 ? 101 MES A O2S   1 
HETATM 633 O O3S   . MES C 2 .  ? -6.088  11.040  4.282   1.00 39.58 ? 101 MES A O3S   1 
HETATM 634 C C1    . DIO D 3 .  ? -19.143 -7.950  1.174   1.00 39.40 ? 101 DIO B C1    1 
HETATM 635 C C2    . DIO D 3 .  ? -17.690 -9.566  1.878   1.00 32.63 ? 101 DIO B C2    1 
HETATM 636 C "C1'" . DIO D 3 .  ? -19.163 -8.731  -0.123  1.00 41.19 ? 101 DIO B "C1'" 1 
HETATM 637 C "C2'" . DIO D 3 .  ? -18.021 -10.495 0.733   1.00 34.27 ? 101 DIO B "C2'" 1 
HETATM 638 O O1    . DIO D 3 .  ? -18.821 -8.812  2.241   1.00 41.67 ? 101 DIO B O1    1 
HETATM 639 O "O1'" . DIO D 3 .  ? -19.245 -10.111 0.152   1.00 46.10 ? 101 DIO B "O1'" 1 
HETATM 640 O O     . HOH E 4 .  ? 9.722   11.717  -0.218  1.00 14.86 ? 201 HOH A O     1 
HETATM 641 O O     . HOH E 4 .  ? -2.651  5.443   0.173   1.00 16.08 ? 202 HOH A O     1 
HETATM 642 O O     . HOH E 4 .  ? 8.833   9.687   3.672   1.00 14.53 ? 203 HOH A O     1 
HETATM 643 O O     . HOH E 4 .  ? 5.483   1.971   -3.064  1.00 19.00 ? 204 HOH A O     1 
HETATM 644 O O     . HOH E 4 .  ? 11.540  -1.607  2.937   1.00 20.73 ? 205 HOH A O     1 
HETATM 645 O O     . HOH E 4 .  ? 8.859   5.332   -6.965  1.00 21.55 ? 206 HOH A O     1 
HETATM 646 O O     . HOH E 4 .  ? 15.055  8.482   2.788   1.00 24.89 ? 207 HOH A O     1 
HETATM 647 O O     . HOH E 4 .  ? 2.680   0.613   -3.975  1.00 23.19 ? 208 HOH A O     1 
HETATM 648 O O     . HOH E 4 .  ? 10.870  10.386  -5.298  1.00 23.59 ? 209 HOH A O     1 
HETATM 649 O O     . HOH E 4 .  ? 11.370  10.963  -7.934  1.00 26.24 ? 210 HOH A O     1 
HETATM 650 O O     . HOH E 4 .  ? 7.101   -5.289  -6.581  1.00 28.10 ? 211 HOH A O     1 
HETATM 651 O O     . HOH E 4 .  ? 10.360  17.240  3.647   1.00 25.88 ? 212 HOH A O     1 
HETATM 652 O O     . HOH E 4 .  ? -0.539  6.486   7.348   1.00 21.42 ? 213 HOH A O     1 
HETATM 653 O O     . HOH E 4 .  ? -0.056  16.131  2.760   1.00 27.41 ? 214 HOH A O     1 
HETATM 654 O O     . HOH E 4 .  ? -0.827  2.384   8.707   1.00 25.36 ? 215 HOH A O     1 
HETATM 655 O O     . HOH E 4 .  ? 11.995  -0.136  -0.541  1.00 26.00 ? 216 HOH A O     1 
HETATM 656 O O     . HOH E 4 .  ? 8.253   14.086  11.866  1.00 29.52 ? 217 HOH A O     1 
HETATM 657 O O     . HOH E 4 .  ? 15.093  6.534   6.235   1.00 31.17 ? 218 HOH A O     1 
HETATM 658 O O     . HOH E 4 .  ? 0.369   5.045   9.424   1.00 28.17 ? 219 HOH A O     1 
HETATM 659 O O     . HOH E 4 .  ? 4.383   14.753  3.935   1.00 21.23 ? 220 HOH A O     1 
HETATM 660 O O     . HOH E 4 .  ? 14.123  11.244  6.419   1.00 30.06 ? 221 HOH A O     1 
HETATM 661 O O     . HOH E 4 .  ? 10.538  11.274  9.830   1.00 30.87 ? 222 HOH A O     1 
HETATM 662 O O     . HOH E 4 .  ? 12.434  -2.314  -2.430  1.00 32.30 ? 223 HOH A O     1 
HETATM 663 O O     . HOH E 4 .  ? -3.281  2.880   4.128   1.00 26.74 ? 224 HOH A O     1 
HETATM 664 O O     . HOH E 4 .  ? -5.819  3.854   3.980   1.00 33.51 ? 225 HOH A O     1 
HETATM 665 O O     . HOH E 4 .  ? 6.007   -1.552  -7.057  1.00 31.82 ? 226 HOH A O     1 
HETATM 666 O O     . HOH E 4 .  ? 3.184   16.543  5.585   1.00 30.34 ? 227 HOH A O     1 
HETATM 667 O O     . HOH E 4 .  ? 12.461  1.708   -2.776  1.00 27.36 ? 228 HOH A O     1 
HETATM 668 O O     . HOH E 4 .  ? 15.660  10.466  4.359   1.00 34.57 ? 229 HOH A O     1 
HETATM 669 O O     . HOH E 4 .  ? 4.570   17.471  -6.765  1.00 26.91 ? 230 HOH A O     1 
HETATM 670 O O     . HOH E 4 .  ? -2.663  3.844   6.783   1.00 35.83 ? 231 HOH A O     1 
HETATM 671 O O     . HOH E 4 .  ? 5.015   -2.022  -2.976  1.00 29.16 ? 232 HOH A O     1 
HETATM 672 O O     . HOH E 4 .  ? 1.041   16.572  -7.178  1.00 28.33 ? 233 HOH A O     1 
HETATM 673 O O     . HOH E 4 .  ? -2.204  0.125   7.898   1.00 30.10 ? 234 HOH A O     1 
HETATM 674 O O     . HOH E 4 .  ? 7.397   16.202  11.090  1.00 26.91 ? 235 HOH A O     1 
HETATM 675 O O     . HOH E 4 .  ? 15.512  5.257   3.301   1.00 31.15 ? 236 HOH A O     1 
HETATM 676 O O     . HOH E 4 .  ? 11.346  12.018  -2.344  1.00 28.38 ? 237 HOH A O     1 
HETATM 677 O O     . HOH E 4 .  ? 12.895  10.069  -3.710  1.00 32.09 ? 238 HOH A O     1 
HETATM 678 O O     . HOH E 4 .  ? 7.162   -4.269  -3.494  1.00 31.50 ? 239 HOH A O     1 
HETATM 679 O O     . HOH E 4 .  ? 9.422   21.342  -3.888  1.00 22.11 ? 240 HOH A O     1 
HETATM 680 O O     . HOH E 4 .  ? 12.453  0.271   -5.552  1.00 31.17 ? 241 HOH A O     1 
HETATM 681 O O     . HOH E 4 .  ? 13.903  5.099   -2.312  1.00 32.72 ? 242 HOH A O     1 
HETATM 682 O O     . HOH E 4 .  ? 14.112  -1.249  3.692   1.00 33.47 ? 243 HOH A O     1 
HETATM 683 O O     . HOH E 4 .  ? 0.059   10.579  7.266   1.00 30.40 ? 244 HOH A O     1 
HETATM 684 O O     . HOH E 4 .  ? 15.459  1.296   3.193   1.00 29.01 ? 245 HOH A O     1 
HETATM 685 O O     . HOH F 4 .  ? -0.983  -3.750  4.561   1.00 13.81 ? 201 HOH B O     1 
HETATM 686 O O     . HOH F 4 .  ? -2.834  -14.706 -6.238  1.00 21.64 ? 202 HOH B O     1 
HETATM 687 O O     . HOH F 4 .  ? -4.159  -3.789  -10.791 1.00 21.47 ? 203 HOH B O     1 
HETATM 688 O O     . HOH F 4 .  ? -7.403  -13.346 -3.745  1.00 19.33 ? 204 HOH B O     1 
HETATM 689 O O     . HOH F 4 .  ? -9.731  -9.432  -2.893  1.00 19.76 ? 205 HOH B O     1 
HETATM 690 O O     . HOH F 4 .  ? -10.880 -10.584 -8.872  1.00 25.99 ? 206 HOH B O     1 
HETATM 691 O O     . HOH F 4 .  ? -6.778  -0.845  -10.248 1.00 22.63 ? 207 HOH B O     1 
HETATM 692 O O     . HOH F 4 .  ? -8.298  -17.390 -5.105  1.00 26.42 ? 208 HOH B O     1 
HETATM 693 O O     . HOH F 4 .  ? -0.080  -4.703  -4.831  1.00 21.21 ? 209 HOH B O     1 
HETATM 694 O O     . HOH F 4 .  ? 4.663   -0.676  -10.140 1.00 27.22 ? 210 HOH B O     1 
HETATM 695 O O     . HOH F 4 .  ? 0.961   -10.231 -7.000  1.00 23.19 ? 211 HOH B O     1 
HETATM 696 O O     . HOH F 4 .  ? -2.971  -6.403  -10.887 1.00 24.37 ? 212 HOH B O     1 
HETATM 697 O O     . HOH F 4 .  ? 2.135   -2.989  -3.139  1.00 23.96 ? 213 HOH B O     1 
HETATM 698 O O     . HOH F 4 .  ? -13.561 -7.427  -8.924  1.00 29.66 ? 214 HOH B O     1 
HETATM 699 O O     . HOH F 4 .  ? -8.403  -2.219  4.882   1.00 25.25 ? 215 HOH B O     1 
HETATM 700 O O     . HOH F 4 .  ? -6.303  0.384   5.365   1.00 29.87 ? 216 HOH B O     1 
HETATM 701 O O     . HOH F 4 .  ? -9.909  -12.271 3.425   1.00 22.91 ? 217 HOH B O     1 
HETATM 702 O O     . HOH F 4 .  ? -7.443  -12.509 7.444   1.00 32.89 ? 218 HOH B O     1 
HETATM 703 O O     . HOH F 4 .  ? -7.984  1.955   3.595   1.00 31.47 ? 219 HOH B O     1 
HETATM 704 O O     . HOH F 4 .  ? -0.064  -6.497  -12.678 1.00 35.48 ? 220 HOH B O     1 
HETATM 705 O O     . HOH F 4 .  ? -6.252  -4.255  -12.566 1.00 32.36 ? 221 HOH B O     1 
HETATM 706 O O     . HOH F 4 .  ? -3.522  0.561   4.699   1.00 26.74 ? 222 HOH B O     1 
HETATM 707 O O     . HOH F 4 .  ? -7.703  -14.641 5.179   1.00 26.64 ? 223 HOH B O     1 
HETATM 708 O O     . HOH F 4 .  ? -7.831  -18.575 3.856   1.00 27.91 ? 224 HOH B O     1 
HETATM 709 O O     . HOH F 4 .  ? -3.131  -12.850 -8.951  1.00 32.92 ? 225 HOH B O     1 
HETATM 710 O O     . HOH F 4 .  ? -5.263  -10.836 9.749   1.00 35.22 ? 226 HOH B O     1 
HETATM 711 O O     . HOH F 4 .  ? -10.969 -7.361  -10.708 1.00 32.19 ? 227 HOH B O     1 
HETATM 712 O O     . HOH F 4 .  ? -4.874  -9.414  -10.565 1.00 31.77 ? 228 HOH B O     1 
HETATM 713 O O     . HOH F 4 .  ? -9.059  -5.402  5.497   1.00 29.85 ? 229 HOH B O     1 
HETATM 714 O O     . HOH F 4 .  ? -8.789  -1.678  -11.920 1.00 33.03 ? 230 HOH B O     1 
HETATM 715 O O     . HOH F 4 .  ? 4.148   -3.410  -7.593  1.00 37.96 ? 231 HOH B O     1 
HETATM 716 O O     . HOH F 4 .  ? -12.123 -5.569  6.486   1.00 39.60 ? 232 HOH B O     1 
HETATM 717 O O     . HOH F 4 .  ? -0.082  -16.567 -7.152  1.00 37.06 ? 233 HOH B O     1 
HETATM 718 O O     . HOH F 4 .  ? 1.574   -0.158  -8.974  1.00 35.73 ? 234 HOH B O     1 
HETATM 719 O O     . HOH F 4 .  ? -11.319 -6.364  8.791   1.00 39.35 ? 235 HOH B O     1 
HETATM 720 O O     . HOH F 4 .  ? 0.458   -1.591  -6.279  1.00 31.64 ? 236 HOH B O     1 
HETATM 721 O O     . HOH F 4 .  ? -10.314 -0.275  4.104   1.00 31.04 ? 237 HOH B O     1 
HETATM 722 O O     . HOH F 4 .  ? 0.214   -4.315  -13.238 1.00 42.79 ? 238 HOH B O     1 
HETATM 723 O O     . HOH F 4 .  ? -0.404  -19.949 -1.462  1.00 32.37 ? 239 HOH B O     1 
HETATM 724 O O     . HOH F 4 .  ? -2.396  -2.380  -12.411 1.00 33.99 ? 240 HOH B O     1 
# 
